data_5HZJ
#
_entry.id   5HZJ
#
_cell.length_a   61.650
_cell.length_b   111.170
_cell.length_c   88.190
_cell.angle_alpha   90.00
_cell.angle_beta   90.12
_cell.angle_gamma   90.00
#
_symmetry.space_group_name_H-M   'P 1 21 1'
#
loop_
_entity.id
_entity.type
_entity.pdbx_description
1 polymer Intersectin-1,NPH1-1,Intersectin-1
2 non-polymer 'FLAVIN MONONUCLEOTIDE'
3 water water
#
_entity_poly.entity_id   1
_entity_poly.type   'polypeptide(L)'
_entity_poly.pdbx_seq_one_letter_code
;MLTPTERKRQGYIHELIVTEENYVNDLQLVTEIFQKPLMESELLTEKEVAMIFVNWKELIMCNIKLLKALRVRKKMSGEL
ATTLERIEKNFVITDPRLPDNPIIFASDSFLQLTEYSREEILGRNCRFLQGPETDRATVRKIRDAIDNQTEVTVQLINYT
KSGKKFWNLFHLQPMRDQKGDVQYFIGVQLDGTEHVRDAAEREGVMLIKKTAENIDEAAKELKMPVKMIGDILSAQLPHM
QPYIRFCSRQLNGAALIQQKTDEAPDFKEFVKRLAMDPRCKGMPLSSFILKPMQRVTRYPLIIKNILENTPENHPDHSHL
KHALEKAEELCSQVNEGVREKENSDRLEWIQAHVQCEGLSEQLVFNSVTNCLGPRKFLHSGKLYKAKSNKELYGFLFNDF
LLLTQITKPLGSSGTDKVFSPKSNLQYKMYKTPIFLNEVLVKLPTDPSGDEPIFHISHIDRVYTLRAESINERTAWVQKI
KAASELYIETEKKKLEHHHHHH
;
_entity_poly.pdbx_strand_id   A,B
#
loop_
_chem_comp.id
_chem_comp.type
_chem_comp.name
_chem_comp.formula
FMN non-polymer 'FLAVIN MONONUCLEOTIDE' 'C17 H21 N4 O9 P'
#
# COMPACT_ATOMS: atom_id res chain seq x y z
N LEU A 2 -23.10 41.76 17.57
CA LEU A 2 -21.83 41.09 17.83
C LEU A 2 -20.91 41.14 16.61
N THR A 3 -19.61 41.07 16.86
CA THR A 3 -18.62 41.08 15.79
C THR A 3 -18.77 39.84 14.91
N PRO A 4 -18.50 39.97 13.61
CA PRO A 4 -18.59 38.86 12.65
C PRO A 4 -17.73 37.66 13.05
N THR A 5 -16.65 37.91 13.78
CA THR A 5 -15.78 36.83 14.24
C THR A 5 -16.49 35.96 15.28
N GLU A 6 -17.00 36.61 16.32
CA GLU A 6 -17.75 35.90 17.37
C GLU A 6 -19.05 35.34 16.80
N ARG A 7 -19.60 36.05 15.82
CA ARG A 7 -20.83 35.62 15.15
C ARG A 7 -20.60 34.31 14.40
N LYS A 8 -19.55 34.28 13.58
CA LYS A 8 -19.20 33.08 12.83
C LYS A 8 -18.81 31.92 13.76
N ARG A 9 -18.24 32.27 14.92
CA ARG A 9 -17.80 31.26 15.88
C ARG A 9 -18.94 30.39 16.36
N GLN A 10 -20.05 31.03 16.75
CA GLN A 10 -21.22 30.31 17.20
C GLN A 10 -21.85 29.52 16.05
N GLY A 11 -21.72 30.05 14.84
CA GLY A 11 -22.28 29.40 13.67
C GLY A 11 -21.59 28.09 13.35
N TYR A 12 -20.28 28.05 13.55
CA TYR A 12 -19.50 26.85 13.27
C TYR A 12 -19.55 25.86 14.43
N ILE A 13 -19.68 26.36 15.65
CA ILE A 13 -19.86 25.49 16.82
C ILE A 13 -21.14 24.68 16.68
N HIS A 14 -22.20 25.33 16.22
CA HIS A 14 -23.48 24.66 16.04
C HIS A 14 -23.51 23.86 14.74
N GLU A 15 -22.59 24.17 13.83
CA GLU A 15 -22.43 23.37 12.62
C GLU A 15 -21.90 22.01 13.02
N LEU A 16 -21.02 22.00 14.03
CA LEU A 16 -20.46 20.77 14.54
C LEU A 16 -21.54 19.94 15.22
N ILE A 17 -22.37 20.60 16.02
CA ILE A 17 -23.39 19.92 16.82
C ILE A 17 -24.53 19.36 15.97
N VAL A 18 -25.06 20.18 15.06
CA VAL A 18 -26.20 19.78 14.24
C VAL A 18 -25.84 18.67 13.25
N THR A 19 -24.70 18.80 12.59
CA THR A 19 -24.25 17.79 11.64
C THR A 19 -23.91 16.49 12.34
N GLU A 20 -23.45 16.58 13.59
CA GLU A 20 -23.18 15.39 14.38
C GLU A 20 -24.50 14.68 14.70
N GLU A 21 -25.53 15.46 14.98
CA GLU A 21 -26.86 14.93 15.25
C GLU A 21 -27.37 14.11 14.07
N ASN A 22 -27.21 14.68 12.87
CA ASN A 22 -27.63 14.00 11.64
C ASN A 22 -26.80 12.76 11.38
N TYR A 23 -25.49 12.87 11.66
CA TYR A 23 -24.56 11.77 11.43
C TYR A 23 -24.85 10.58 12.34
N VAL A 24 -24.90 10.83 13.64
CA VAL A 24 -25.20 9.79 14.62
C VAL A 24 -26.55 9.15 14.33
N ASN A 25 -27.49 9.98 13.87
CA ASN A 25 -28.79 9.48 13.48
C ASN A 25 -28.69 8.50 12.31
N ASP A 26 -27.84 8.83 11.34
CA ASP A 26 -27.63 7.97 10.18
C ASP A 26 -26.99 6.64 10.57
N LEU A 27 -26.11 6.68 11.56
CA LEU A 27 -25.44 5.47 12.04
C LEU A 27 -26.43 4.52 12.68
N GLN A 28 -27.34 5.09 13.47
CA GLN A 28 -28.34 4.30 14.17
C GLN A 28 -29.39 3.75 13.21
N LEU A 29 -29.56 4.41 12.08
CA LEU A 29 -30.51 3.95 11.06
C LEU A 29 -30.05 2.63 10.45
N VAL A 30 -28.79 2.61 10.01
CA VAL A 30 -28.21 1.42 9.39
C VAL A 30 -28.27 0.22 10.33
N THR A 31 -28.03 0.44 11.62
CA THR A 31 -28.09 -0.62 12.60
C THR A 31 -29.54 -1.08 12.82
N GLU A 32 -30.47 -0.15 12.71
CA GLU A 32 -31.88 -0.44 13.01
C GLU A 32 -32.60 -1.15 11.85
N ILE A 33 -32.46 -0.60 10.64
CA ILE A 33 -33.25 -1.09 9.51
C ILE A 33 -32.41 -1.73 8.41
N PHE A 34 -31.15 -2.06 8.72
CA PHE A 34 -30.31 -2.77 7.77
C PHE A 34 -29.51 -3.89 8.44
N GLN A 35 -28.87 -3.57 9.56
CA GLN A 35 -28.01 -4.53 10.23
C GLN A 35 -28.81 -5.67 10.86
N LYS A 36 -29.67 -5.34 11.82
CA LYS A 36 -30.51 -6.34 12.48
C LYS A 36 -31.42 -7.13 11.53
N PRO A 37 -32.03 -6.48 10.52
CA PRO A 37 -32.84 -7.28 9.58
C PRO A 37 -32.03 -8.31 8.80
N LEU A 38 -30.85 -7.93 8.31
CA LEU A 38 -30.03 -8.83 7.51
C LEU A 38 -29.49 -10.01 8.33
N MET A 39 -29.24 -9.78 9.61
CA MET A 39 -28.72 -10.81 10.49
C MET A 39 -29.76 -11.89 10.78
N GLU A 40 -31.02 -11.50 10.84
CA GLU A 40 -32.10 -12.43 11.15
C GLU A 40 -32.81 -12.92 9.89
N SER A 41 -32.38 -12.43 8.74
CA SER A 41 -32.97 -12.82 7.47
C SER A 41 -32.49 -14.20 7.01
N GLU A 42 -31.33 -14.61 7.53
CA GLU A 42 -30.72 -15.89 7.18
C GLU A 42 -30.41 -16.00 5.69
N LEU A 43 -30.20 -14.86 5.04
CA LEU A 43 -29.81 -14.84 3.64
C LEU A 43 -28.30 -14.95 3.49
N LEU A 44 -27.57 -14.41 4.46
CA LEU A 44 -26.12 -14.44 4.46
C LEU A 44 -25.61 -15.13 5.71
N THR A 45 -24.35 -15.55 5.68
CA THR A 45 -23.72 -16.16 6.84
C THR A 45 -23.24 -15.07 7.81
N GLU A 46 -22.90 -15.48 9.03
CA GLU A 46 -22.42 -14.54 10.03
C GLU A 46 -21.08 -13.93 9.64
N LYS A 47 -20.37 -14.62 8.75
CA LYS A 47 -19.07 -14.15 8.29
C LYS A 47 -19.21 -13.08 7.22
N GLU A 48 -20.19 -13.25 6.33
CA GLU A 48 -20.40 -12.31 5.23
C GLU A 48 -20.90 -10.96 5.74
N VAL A 49 -21.73 -11.00 6.78
CA VAL A 49 -22.28 -9.78 7.38
C VAL A 49 -21.18 -8.93 8.02
N ALA A 50 -20.23 -9.61 8.66
CA ALA A 50 -19.15 -8.91 9.36
C ALA A 50 -18.16 -8.26 8.39
N MET A 51 -18.20 -8.68 7.13
CA MET A 51 -17.31 -8.13 6.12
C MET A 51 -17.77 -6.75 5.68
N ILE A 52 -19.08 -6.51 5.78
CA ILE A 52 -19.66 -5.24 5.36
C ILE A 52 -19.57 -4.20 6.46
N PHE A 53 -20.33 -4.41 7.53
CA PHE A 53 -20.43 -3.47 8.63
C PHE A 53 -19.15 -3.36 9.44
N VAL A 54 -18.42 -4.48 9.54
CA VAL A 54 -17.17 -4.56 10.30
C VAL A 54 -17.41 -4.11 11.75
N ASN A 55 -16.79 -3.01 12.15
CA ASN A 55 -16.93 -2.52 13.53
C ASN A 55 -17.88 -1.34 13.60
N TRP A 56 -18.96 -1.41 12.83
CA TRP A 56 -19.95 -0.34 12.75
C TRP A 56 -20.56 0.00 14.11
N LYS A 57 -20.79 -1.04 14.92
CA LYS A 57 -21.31 -0.88 16.26
C LYS A 57 -20.41 0.03 17.11
N GLU A 58 -19.10 -0.18 17.00
CA GLU A 58 -18.14 0.60 17.77
C GLU A 58 -18.07 2.05 17.30
N LEU A 59 -18.39 2.27 16.03
CA LEU A 59 -18.43 3.62 15.48
C LEU A 59 -19.52 4.42 16.18
N ILE A 60 -20.65 3.78 16.42
CA ILE A 60 -21.77 4.41 17.11
C ILE A 60 -21.40 4.73 18.56
N MET A 61 -20.71 3.81 19.21
CA MET A 61 -20.34 3.99 20.61
C MET A 61 -19.41 5.19 20.80
N CYS A 62 -18.62 5.48 19.78
CA CYS A 62 -17.70 6.61 19.82
C CYS A 62 -18.44 7.93 19.70
N ASN A 63 -19.24 8.06 18.65
CA ASN A 63 -19.94 9.30 18.37
C ASN A 63 -21.08 9.60 19.34
N ILE A 64 -21.74 8.55 19.83
CA ILE A 64 -22.79 8.72 20.84
C ILE A 64 -22.17 9.33 22.09
N LYS A 65 -20.99 8.85 22.46
CA LYS A 65 -20.25 9.39 23.59
C LYS A 65 -19.88 10.85 23.32
N LEU A 66 -19.64 11.17 22.06
CA LEU A 66 -19.33 12.53 21.65
C LEU A 66 -20.58 13.41 21.66
N LEU A 67 -21.66 12.91 21.06
CA LEU A 67 -22.90 13.66 20.94
C LEU A 67 -23.52 13.97 22.31
N LYS A 68 -23.48 12.99 23.21
CA LYS A 68 -24.02 13.17 24.55
C LYS A 68 -23.29 14.28 25.28
N ALA A 69 -21.96 14.30 25.16
CA ALA A 69 -21.15 15.33 25.78
C ALA A 69 -21.49 16.72 25.22
N LEU A 70 -21.78 16.76 23.92
CA LEU A 70 -22.16 18.01 23.27
C LEU A 70 -23.53 18.48 23.76
N ARG A 71 -24.45 17.54 23.93
CA ARG A 71 -25.80 17.86 24.34
C ARG A 71 -25.88 18.39 25.77
N VAL A 72 -25.08 17.83 26.67
CA VAL A 72 -25.06 18.27 28.06
C VAL A 72 -24.55 19.69 28.19
N ARG A 73 -23.46 19.99 27.48
CA ARG A 73 -22.90 21.33 27.41
C ARG A 73 -23.92 22.30 26.82
N LYS A 74 -24.68 21.79 25.86
CA LYS A 74 -25.66 22.58 25.13
C LYS A 74 -27.01 22.55 25.86
N LYS A 75 -27.05 21.79 26.95
CA LYS A 75 -28.27 21.59 27.73
C LYS A 75 -29.40 21.01 26.89
N MET A 76 -29.04 20.27 25.85
CA MET A 76 -30.01 19.70 24.93
C MET A 76 -30.53 18.32 25.34
N SER A 77 -31.56 17.88 24.64
CA SER A 77 -32.06 16.52 24.74
C SER A 77 -32.25 15.99 23.33
N GLY A 78 -32.48 14.69 23.21
CA GLY A 78 -32.63 14.04 21.90
C GLY A 78 -33.88 14.47 21.16
N GLU A 79 -34.72 15.24 21.85
CA GLU A 79 -36.06 15.56 21.37
C GLU A 79 -36.11 16.43 20.11
N LEU A 80 -35.03 17.16 19.82
CA LEU A 80 -35.04 18.16 18.76
C LEU A 80 -35.48 17.62 17.40
N ALA A 81 -34.88 16.51 16.98
CA ALA A 81 -35.21 15.91 15.70
C ALA A 81 -36.66 15.45 15.66
N THR A 82 -37.12 14.87 16.76
CA THR A 82 -38.48 14.36 16.84
C THR A 82 -39.49 15.49 16.94
N THR A 83 -39.14 16.53 17.69
CA THR A 83 -40.02 17.68 17.86
C THR A 83 -40.21 18.42 16.55
N LEU A 84 -39.14 18.51 15.76
CA LEU A 84 -39.18 19.17 14.46
C LEU A 84 -39.97 18.36 13.44
N GLU A 85 -39.87 17.04 13.55
CA GLU A 85 -40.56 16.15 12.61
C GLU A 85 -42.07 16.18 12.80
N ARG A 86 -42.51 16.51 14.01
CA ARG A 86 -43.92 16.56 14.34
C ARG A 86 -44.60 17.79 13.72
N ILE A 87 -43.80 18.77 13.33
CA ILE A 87 -44.31 19.96 12.65
C ILE A 87 -44.44 19.66 11.16
N GLU A 88 -45.61 19.19 10.75
CA GLU A 88 -45.83 18.78 9.37
C GLU A 88 -46.11 19.97 8.45
N LYS A 89 -45.15 20.89 8.37
CA LYS A 89 -45.27 22.06 7.50
C LYS A 89 -43.99 22.30 6.73
N ASN A 90 -44.08 23.01 5.61
CA ASN A 90 -42.91 23.36 4.82
C ASN A 90 -42.12 24.48 5.49
N PHE A 91 -40.92 24.16 5.98
CA PHE A 91 -40.07 25.19 6.57
C PHE A 91 -38.60 24.83 6.55
N VAL A 92 -37.76 25.86 6.60
CA VAL A 92 -36.32 25.68 6.72
C VAL A 92 -35.77 26.60 7.80
N ILE A 93 -34.58 26.26 8.30
CA ILE A 93 -33.89 27.13 9.25
C ILE A 93 -32.51 27.48 8.69
N THR A 94 -32.18 28.76 8.69
CA THR A 94 -30.90 29.21 8.14
C THR A 94 -30.03 29.84 9.21
N ASP A 95 -28.73 29.93 8.93
CA ASP A 95 -27.79 30.52 9.87
C ASP A 95 -27.14 31.78 9.29
N PRO A 96 -27.63 32.96 9.71
CA PRO A 96 -27.11 34.25 9.23
C PRO A 96 -25.69 34.50 9.70
N ARG A 97 -25.26 33.75 10.72
CA ARG A 97 -23.91 33.89 11.27
C ARG A 97 -22.88 33.30 10.30
N LEU A 98 -23.33 32.38 9.46
CA LEU A 98 -22.48 31.78 8.45
C LEU A 98 -22.68 32.47 7.10
N PRO A 99 -21.60 32.56 6.29
CA PRO A 99 -21.60 33.22 4.99
C PRO A 99 -22.75 32.78 4.08
N ASP A 100 -23.37 33.76 3.42
CA ASP A 100 -24.47 33.55 2.47
C ASP A 100 -25.70 32.91 3.12
N ASN A 101 -25.74 32.91 4.44
CA ASN A 101 -26.91 32.46 5.20
C ASN A 101 -27.41 31.07 4.79
N PRO A 102 -26.60 30.03 5.09
CA PRO A 102 -26.88 28.66 4.64
C PRO A 102 -28.04 27.99 5.37
N ILE A 103 -28.69 27.06 4.69
CA ILE A 103 -29.73 26.23 5.30
C ILE A 103 -29.09 25.14 6.17
N ILE A 104 -29.57 25.03 7.42
CA ILE A 104 -29.06 24.04 8.35
C ILE A 104 -30.08 22.94 8.61
N PHE A 105 -31.31 23.17 8.16
CA PHE A 105 -32.38 22.19 8.32
C PHE A 105 -33.52 22.45 7.34
N ALA A 106 -34.13 21.37 6.86
CA ALA A 106 -35.27 21.47 5.97
C ALA A 106 -36.29 20.38 6.31
N SER A 107 -37.54 20.78 6.46
CA SER A 107 -38.59 19.84 6.84
C SER A 107 -38.86 18.83 5.75
N ASP A 108 -39.47 17.70 6.12
CA ASP A 108 -39.80 16.66 5.17
C ASP A 108 -40.78 17.16 4.12
N SER A 109 -41.72 17.99 4.56
CA SER A 109 -42.71 18.57 3.66
C SER A 109 -42.04 19.50 2.65
N PHE A 110 -41.04 20.24 3.11
CA PHE A 110 -40.32 21.17 2.25
C PHE A 110 -39.57 20.44 1.14
N LEU A 111 -38.81 19.42 1.53
CA LEU A 111 -38.02 18.63 0.59
C LEU A 111 -38.86 18.02 -0.50
N GLN A 112 -40.01 17.45 -0.11
CA GLN A 112 -40.90 16.81 -1.07
C GLN A 112 -41.60 17.83 -1.95
N LEU A 113 -41.87 19.00 -1.39
CA LEU A 113 -42.49 20.09 -2.14
C LEU A 113 -41.58 20.61 -3.24
N THR A 114 -40.32 20.82 -2.89
CA THR A 114 -39.36 21.43 -3.81
C THR A 114 -38.62 20.39 -4.65
N GLU A 115 -38.94 19.11 -4.42
CA GLU A 115 -38.40 17.98 -5.18
C GLU A 115 -36.88 17.82 -5.04
N TYR A 116 -36.30 18.49 -4.04
CA TYR A 116 -34.87 18.37 -3.78
C TYR A 116 -34.59 17.35 -2.69
N SER A 117 -33.31 16.98 -2.54
CA SER A 117 -32.90 16.11 -1.45
C SER A 117 -32.16 16.92 -0.40
N ARG A 118 -31.98 16.32 0.78
CA ARG A 118 -31.32 17.01 1.89
C ARG A 118 -29.86 17.34 1.58
N GLU A 119 -29.21 16.48 0.82
CA GLU A 119 -27.80 16.69 0.47
C GLU A 119 -27.63 17.88 -0.48
N GLU A 120 -28.64 18.10 -1.32
CA GLU A 120 -28.60 19.21 -2.27
C GLU A 120 -28.92 20.55 -1.60
N ILE A 121 -29.60 20.49 -0.47
CA ILE A 121 -30.12 21.69 0.19
C ILE A 121 -29.18 22.29 1.23
N LEU A 122 -28.75 21.47 2.18
CA LEU A 122 -27.97 21.95 3.32
C LEU A 122 -26.70 22.69 2.91
N GLY A 123 -26.47 23.83 3.54
CA GLY A 123 -25.27 24.62 3.30
C GLY A 123 -25.42 25.66 2.20
N ARG A 124 -26.59 25.70 1.58
CA ARG A 124 -26.84 26.63 0.48
C ARG A 124 -27.90 27.67 0.81
N ASN A 125 -27.92 28.76 0.04
CA ASN A 125 -28.90 29.83 0.21
C ASN A 125 -30.23 29.44 -0.44
N CYS A 126 -31.33 29.99 0.08
CA CYS A 126 -32.66 29.58 -0.35
C CYS A 126 -33.08 30.13 -1.71
N ARG A 127 -32.17 30.83 -2.39
CA ARG A 127 -32.54 31.55 -3.60
C ARG A 127 -32.72 30.63 -4.82
N PHE A 128 -32.45 29.34 -4.65
CA PHE A 128 -32.62 28.39 -5.75
C PHE A 128 -34.08 28.20 -6.11
N LEU A 129 -34.97 28.56 -5.19
CA LEU A 129 -36.41 28.46 -5.43
C LEU A 129 -36.89 29.49 -6.44
N GLN A 130 -36.21 30.64 -6.46
CA GLN A 130 -36.61 31.74 -7.33
C GLN A 130 -36.36 31.44 -8.81
N GLY A 131 -37.20 32.03 -9.67
CA GLY A 131 -37.08 31.82 -11.09
C GLY A 131 -37.35 33.09 -11.90
N PRO A 132 -37.63 32.92 -13.19
CA PRO A 132 -37.85 34.04 -14.14
C PRO A 132 -39.10 34.87 -13.81
N GLU A 133 -40.20 34.20 -13.51
CA GLU A 133 -41.47 34.89 -13.28
C GLU A 133 -41.62 35.32 -11.82
N THR A 134 -40.50 35.35 -11.10
CA THR A 134 -40.51 35.78 -9.71
C THR A 134 -40.31 37.29 -9.58
N ASP A 135 -41.20 37.92 -8.83
CA ASP A 135 -41.12 39.36 -8.61
C ASP A 135 -39.86 39.70 -7.81
N ARG A 136 -38.90 40.37 -8.47
CA ARG A 136 -37.63 40.70 -7.84
C ARG A 136 -37.80 41.79 -6.79
N ALA A 137 -38.91 42.53 -6.87
CA ALA A 137 -39.22 43.55 -5.88
C ALA A 137 -39.65 42.89 -4.56
N THR A 138 -40.34 41.77 -4.68
CA THR A 138 -40.76 40.99 -3.53
C THR A 138 -39.53 40.39 -2.83
N VAL A 139 -38.56 39.99 -3.63
CA VAL A 139 -37.33 39.40 -3.11
C VAL A 139 -36.54 40.41 -2.28
N ARG A 140 -36.49 41.66 -2.76
CA ARG A 140 -35.76 42.71 -2.07
C ARG A 140 -36.34 43.01 -0.68
N LYS A 141 -37.66 42.90 -0.56
CA LYS A 141 -38.31 43.10 0.73
C LYS A 141 -37.87 42.04 1.73
N ILE A 142 -37.65 40.82 1.24
CA ILE A 142 -37.17 39.73 2.08
C ILE A 142 -35.75 40.01 2.55
N ARG A 143 -34.92 40.50 1.64
CA ARG A 143 -33.53 40.82 1.95
C ARG A 143 -33.45 41.93 3.00
N ASP A 144 -34.31 42.93 2.86
CA ASP A 144 -34.33 44.06 3.78
C ASP A 144 -34.72 43.60 5.19
N ALA A 145 -35.69 42.72 5.27
CA ALA A 145 -36.13 42.18 6.56
C ALA A 145 -35.01 41.40 7.23
N ILE A 146 -34.20 40.71 6.41
CA ILE A 146 -33.04 39.99 6.92
C ILE A 146 -31.99 40.95 7.45
N ASP A 147 -31.59 41.91 6.62
CA ASP A 147 -30.56 42.87 6.99
C ASP A 147 -30.95 43.74 8.19
N ASN A 148 -32.26 43.98 8.34
CA ASN A 148 -32.76 44.74 9.47
C ASN A 148 -33.14 43.83 10.63
N GLN A 149 -32.95 42.53 10.45
CA GLN A 149 -33.23 41.53 11.47
C GLN A 149 -34.66 41.60 11.98
N THR A 150 -35.61 41.63 11.07
CA THR A 150 -37.03 41.65 11.45
C THR A 150 -37.83 40.63 10.65
N GLU A 151 -39.05 40.35 11.10
CA GLU A 151 -39.93 39.41 10.42
C GLU A 151 -40.56 40.05 9.18
N VAL A 152 -41.13 39.22 8.32
CA VAL A 152 -41.82 39.69 7.13
C VAL A 152 -42.70 38.59 6.56
N THR A 153 -43.75 39.00 5.82
CA THR A 153 -44.65 38.05 5.18
C THR A 153 -45.05 38.53 3.79
N VAL A 154 -44.65 37.78 2.77
CA VAL A 154 -44.92 38.17 1.39
C VAL A 154 -45.43 36.98 0.57
N GLN A 155 -45.71 37.25 -0.71
CA GLN A 155 -46.10 36.20 -1.64
C GLN A 155 -45.30 36.33 -2.92
N LEU A 156 -44.79 35.20 -3.41
CA LEU A 156 -43.97 35.21 -4.61
C LEU A 156 -44.00 33.87 -5.32
N ILE A 157 -43.48 33.84 -6.55
CA ILE A 157 -43.43 32.61 -7.34
C ILE A 157 -42.12 31.88 -7.15
N ASN A 158 -42.19 30.64 -6.68
CA ASN A 158 -41.00 29.81 -6.56
C ASN A 158 -41.07 28.59 -7.48
N TYR A 159 -39.92 27.99 -7.73
CA TYR A 159 -39.81 26.86 -8.65
C TYR A 159 -39.23 25.63 -7.97
N THR A 160 -39.72 24.45 -8.36
CA THR A 160 -39.19 23.20 -7.84
C THR A 160 -37.92 22.81 -8.60
N LYS A 161 -37.49 21.56 -8.44
CA LYS A 161 -36.29 21.09 -9.13
C LYS A 161 -36.56 20.88 -10.62
N SER A 162 -37.76 20.41 -10.94
CA SER A 162 -38.14 20.17 -12.33
C SER A 162 -38.62 21.46 -13.01
N GLY A 163 -38.83 22.50 -12.21
CA GLY A 163 -39.25 23.79 -12.74
C GLY A 163 -40.74 24.04 -12.62
N LYS A 164 -41.40 23.28 -11.75
CA LYS A 164 -42.83 23.47 -11.53
C LYS A 164 -43.10 24.77 -10.77
N LYS A 165 -44.08 25.52 -11.25
CA LYS A 165 -44.43 26.81 -10.64
C LYS A 165 -45.45 26.64 -9.53
N PHE A 166 -45.26 27.39 -8.44
CA PHE A 166 -46.22 27.40 -7.34
C PHE A 166 -46.10 28.69 -6.54
N TRP A 167 -47.23 29.22 -6.08
CA TRP A 167 -47.24 30.43 -5.28
C TRP A 167 -46.73 30.15 -3.87
N ASN A 168 -45.95 31.09 -3.33
CA ASN A 168 -45.34 30.90 -2.03
C ASN A 168 -45.73 31.99 -1.03
N LEU A 169 -46.71 31.69 -0.19
CA LEU A 169 -47.03 32.54 0.94
C LEU A 169 -45.93 32.36 1.98
N PHE A 170 -44.88 33.18 1.86
CA PHE A 170 -43.69 33.00 2.68
C PHE A 170 -43.68 33.90 3.92
N HIS A 171 -43.19 33.35 5.02
CA HIS A 171 -43.02 34.13 6.25
C HIS A 171 -41.61 33.97 6.80
N LEU A 172 -41.00 35.10 7.14
CA LEU A 172 -39.66 35.10 7.72
C LEU A 172 -39.74 35.52 9.17
N GLN A 173 -38.91 34.91 10.02
CA GLN A 173 -38.88 35.25 11.43
C GLN A 173 -37.53 34.91 12.08
N PRO A 174 -36.87 35.92 12.64
CA PRO A 174 -35.59 35.74 13.33
C PRO A 174 -35.71 34.90 14.59
N MET A 175 -34.60 34.33 15.03
CA MET A 175 -34.58 33.57 16.28
C MET A 175 -33.56 34.19 17.23
N ARG A 176 -34.07 34.81 18.31
CA ARG A 176 -33.22 35.56 19.22
C ARG A 176 -33.10 34.90 20.59
N ASP A 177 -31.93 35.05 21.21
CA ASP A 177 -31.74 34.57 22.57
C ASP A 177 -32.20 35.61 23.59
N GLN A 178 -31.74 35.48 24.84
CA GLN A 178 -32.12 36.41 25.89
C GLN A 178 -31.54 37.80 25.61
N LYS A 179 -30.35 37.83 25.02
CA LYS A 179 -29.66 39.08 24.74
C LYS A 179 -30.19 39.72 23.46
N GLY A 180 -31.12 39.01 22.81
CA GLY A 180 -31.77 39.54 21.61
C GLY A 180 -30.96 39.37 20.34
N ASP A 181 -29.82 38.71 20.45
CA ASP A 181 -28.96 38.46 19.29
C ASP A 181 -29.57 37.41 18.37
N VAL A 182 -29.67 37.74 17.08
CA VAL A 182 -30.24 36.81 16.11
C VAL A 182 -29.29 35.65 15.84
N GLN A 183 -29.76 34.43 16.09
CA GLN A 183 -28.96 33.23 15.90
C GLN A 183 -29.38 32.48 14.64
N TYR A 184 -30.68 32.34 14.44
CA TYR A 184 -31.21 31.68 13.26
C TYR A 184 -32.35 32.48 12.63
N PHE A 185 -32.71 32.09 11.41
CA PHE A 185 -33.91 32.63 10.76
C PHE A 185 -34.86 31.49 10.44
N ILE A 186 -36.15 31.75 10.63
CA ILE A 186 -37.16 30.75 10.32
C ILE A 186 -37.94 31.17 9.08
N GLY A 187 -38.03 30.26 8.10
CA GLY A 187 -38.74 30.54 6.88
C GLY A 187 -39.82 29.51 6.59
N VAL A 188 -41.09 29.91 6.74
CA VAL A 188 -42.21 29.02 6.52
C VAL A 188 -42.85 29.29 5.15
N GLN A 189 -43.07 28.24 4.38
CA GLN A 189 -43.64 28.36 3.04
C GLN A 189 -45.00 27.67 2.93
N LEU A 190 -46.01 28.43 2.51
CA LEU A 190 -47.32 27.87 2.24
C LEU A 190 -47.56 27.84 0.73
N ASP A 191 -47.37 26.67 0.14
CA ASP A 191 -47.48 26.51 -1.31
C ASP A 191 -48.92 26.59 -1.79
N GLY A 192 -49.11 27.28 -2.91
CA GLY A 192 -50.44 27.44 -3.49
C GLY A 192 -50.37 27.59 -4.99
N THR A 193 -51.54 27.55 -5.64
CA THR A 193 -51.62 27.67 -7.09
C THR A 193 -51.93 29.10 -7.52
N GLU A 194 -52.61 29.84 -6.66
CA GLU A 194 -52.99 31.21 -6.96
C GLU A 194 -52.60 32.18 -5.85
N HIS A 195 -52.53 33.47 -6.19
CA HIS A 195 -52.27 34.51 -5.20
C HIS A 195 -53.50 34.67 -4.30
N VAL A 196 -53.30 34.55 -3.00
CA VAL A 196 -54.41 34.61 -2.05
C VAL A 196 -54.69 36.04 -1.61
N ARG A 197 -55.99 36.38 -1.52
CA ARG A 197 -56.41 37.70 -1.09
C ARG A 197 -57.47 37.59 0.00
N ASP A 198 -57.68 38.70 0.72
CA ASP A 198 -58.74 38.80 1.72
C ASP A 198 -58.69 37.70 2.78
N ALA A 199 -59.74 36.89 2.83
CA ALA A 199 -59.85 35.82 3.83
C ALA A 199 -58.82 34.72 3.59
N ALA A 200 -58.56 34.42 2.33
CA ALA A 200 -57.60 33.39 1.98
C ALA A 200 -56.21 33.76 2.47
N GLU A 201 -55.85 35.03 2.32
CA GLU A 201 -54.56 35.53 2.78
C GLU A 201 -54.51 35.59 4.30
N ARG A 202 -55.57 36.11 4.91
CA ARG A 202 -55.62 36.32 6.35
C ARG A 202 -55.52 35.00 7.12
N GLU A 203 -56.02 33.93 6.53
CA GLU A 203 -55.94 32.61 7.15
C GLU A 203 -54.53 32.03 7.04
N GLY A 204 -53.96 32.10 5.84
CA GLY A 204 -52.64 31.54 5.59
C GLY A 204 -51.55 32.19 6.43
N VAL A 205 -51.67 33.50 6.63
CA VAL A 205 -50.72 34.24 7.45
C VAL A 205 -50.70 33.73 8.88
N MET A 206 -51.89 33.49 9.42
CA MET A 206 -52.03 33.02 10.80
C MET A 206 -51.38 31.65 11.02
N LEU A 207 -51.53 30.78 10.02
CA LEU A 207 -50.99 29.43 10.12
C LEU A 207 -49.47 29.41 10.07
N ILE A 208 -48.92 30.09 9.07
CA ILE A 208 -47.47 30.10 8.87
C ILE A 208 -46.75 30.86 9.99
N LYS A 209 -47.47 31.75 10.66
CA LYS A 209 -46.90 32.48 11.79
C LYS A 209 -46.89 31.61 13.04
N LYS A 210 -47.97 30.87 13.25
CA LYS A 210 -48.05 29.96 14.39
C LYS A 210 -47.06 28.82 14.19
N THR A 211 -46.86 28.43 12.93
CA THR A 211 -45.88 27.40 12.59
C THR A 211 -44.48 27.85 12.99
N ALA A 212 -44.18 29.12 12.72
CA ALA A 212 -42.87 29.68 13.05
C ALA A 212 -42.64 29.72 14.55
N GLU A 213 -43.70 29.95 15.31
CA GLU A 213 -43.57 30.01 16.77
C GLU A 213 -43.28 28.63 17.35
N ASN A 214 -43.88 27.61 16.77
CA ASN A 214 -43.65 26.24 17.20
C ASN A 214 -42.22 25.79 16.92
N ILE A 215 -41.67 26.27 15.81
CA ILE A 215 -40.28 25.98 15.44
C ILE A 215 -39.33 26.65 16.41
N ASP A 216 -39.66 27.88 16.80
CA ASP A 216 -38.85 28.62 17.77
C ASP A 216 -38.85 27.89 19.11
N GLU A 217 -39.98 27.29 19.44
CA GLU A 217 -40.12 26.51 20.65
C GLU A 217 -39.36 25.18 20.52
N ALA A 218 -39.47 24.59 19.33
CA ALA A 218 -38.77 23.35 19.03
C ALA A 218 -37.26 23.54 19.07
N ALA A 219 -36.81 24.64 18.45
CA ALA A 219 -35.38 24.94 18.40
C ALA A 219 -34.95 25.82 19.57
N LYS A 220 -35.65 25.70 20.70
CA LYS A 220 -35.37 26.53 21.87
C LYS A 220 -34.05 26.11 22.51
N GLU A 221 -33.76 24.81 22.47
CA GLU A 221 -32.55 24.28 23.07
C GLU A 221 -31.34 24.58 22.19
N LEU A 222 -31.58 24.79 20.91
CA LEU A 222 -30.51 25.00 19.93
C LEU A 222 -30.03 26.46 19.84
N LYS A 223 -30.95 27.38 20.04
CA LYS A 223 -30.70 28.82 19.83
C LYS A 223 -29.73 29.48 20.82
N MET A 224 -29.56 28.92 22.01
CA MET A 224 -28.64 29.50 23.00
C MET A 224 -27.19 29.49 22.51
N PRO A 225 -26.40 30.50 22.92
CA PRO A 225 -24.99 30.59 22.54
C PRO A 225 -24.10 29.61 23.30
N VAL A 226 -22.91 29.34 22.77
CA VAL A 226 -21.99 28.38 23.39
C VAL A 226 -20.69 29.06 23.80
N LYS A 227 -20.25 28.79 25.03
CA LYS A 227 -19.02 29.38 25.55
C LYS A 227 -17.79 28.58 25.12
N MET A 228 -17.78 27.30 25.45
CA MET A 228 -16.65 26.42 25.10
C MET A 228 -17.14 25.13 24.45
N ILE A 229 -16.35 24.60 23.53
CA ILE A 229 -16.69 23.35 22.85
C ILE A 229 -15.44 22.53 22.51
N GLY A 230 -14.28 23.17 22.62
CA GLY A 230 -13.02 22.54 22.27
C GLY A 230 -12.55 21.50 23.27
N ASP A 231 -12.86 21.71 24.55
CA ASP A 231 -12.45 20.80 25.61
C ASP A 231 -13.11 19.45 25.44
N ILE A 232 -14.31 19.44 24.87
CA ILE A 232 -15.03 18.21 24.60
C ILE A 232 -14.41 17.47 23.43
N LEU A 233 -14.15 18.21 22.34
CA LEU A 233 -13.55 17.63 21.15
C LEU A 233 -12.15 17.10 21.44
N SER A 234 -11.44 17.77 22.36
CA SER A 234 -10.08 17.39 22.71
C SER A 234 -10.05 16.09 23.52
N ALA A 235 -11.18 15.74 24.12
CA ALA A 235 -11.26 14.56 24.98
C ALA A 235 -11.89 13.37 24.27
N GLN A 236 -12.63 13.63 23.20
CA GLN A 236 -13.35 12.57 22.50
C GLN A 236 -12.61 12.08 21.25
N LEU A 237 -11.95 13.00 20.56
CA LEU A 237 -11.24 12.67 19.31
C LEU A 237 -10.12 11.64 19.46
N PRO A 238 -9.36 11.65 20.58
CA PRO A 238 -8.39 10.56 20.73
C PRO A 238 -9.03 9.18 20.93
N HIS A 239 -10.36 9.12 20.98
CA HIS A 239 -11.08 7.87 21.14
C HIS A 239 -11.88 7.51 19.90
N MET A 240 -11.44 8.03 18.75
CA MET A 240 -12.09 7.72 17.47
C MET A 240 -11.34 6.62 16.74
N GLN A 241 -10.66 5.76 17.51
CA GLN A 241 -9.84 4.69 16.95
C GLN A 241 -10.56 3.72 15.99
N PRO A 242 -11.80 3.29 16.32
CA PRO A 242 -12.47 2.33 15.42
C PRO A 242 -12.64 2.78 13.97
N TYR A 243 -12.51 4.07 13.70
CA TYR A 243 -12.65 4.58 12.33
C TYR A 243 -11.55 4.06 11.43
N ILE A 244 -10.37 3.85 12.01
CA ILE A 244 -9.22 3.40 11.24
C ILE A 244 -9.43 2.00 10.69
N ARG A 245 -10.05 1.14 11.48
CA ARG A 245 -10.36 -0.21 11.04
C ARG A 245 -11.46 -0.22 9.98
N PHE A 246 -12.53 0.54 10.23
CA PHE A 246 -13.68 0.55 9.32
C PHE A 246 -13.32 1.10 7.95
N CYS A 247 -12.59 2.21 7.94
CA CYS A 247 -12.26 2.89 6.70
C CYS A 247 -11.24 2.11 5.87
N SER A 248 -10.49 1.23 6.53
CA SER A 248 -9.53 0.38 5.83
C SER A 248 -10.23 -0.83 5.22
N ARG A 249 -11.46 -1.09 5.65
CA ARG A 249 -12.20 -2.25 5.19
C ARG A 249 -13.52 -1.87 4.52
N GLN A 250 -13.72 -0.57 4.32
CA GLN A 250 -14.96 -0.09 3.70
C GLN A 250 -14.98 -0.39 2.20
N LEU A 251 -13.80 -0.52 1.61
CA LEU A 251 -13.69 -0.80 0.19
C LEU A 251 -14.09 -2.25 -0.10
N ASN A 252 -13.58 -3.16 0.71
CA ASN A 252 -13.93 -4.58 0.59
C ASN A 252 -15.38 -4.83 0.98
N GLY A 253 -15.90 -4.02 1.90
CA GLY A 253 -17.27 -4.13 2.34
C GLY A 253 -18.24 -3.70 1.26
N ALA A 254 -17.83 -2.73 0.45
CA ALA A 254 -18.65 -2.22 -0.63
C ALA A 254 -18.64 -3.17 -1.82
N ALA A 255 -17.49 -3.80 -2.06
CA ALA A 255 -17.34 -4.75 -3.16
C ALA A 255 -18.13 -6.03 -2.90
N LEU A 256 -18.33 -6.34 -1.62
CA LEU A 256 -19.08 -7.53 -1.24
C LEU A 256 -20.56 -7.36 -1.56
N ILE A 257 -21.10 -6.18 -1.28
CA ILE A 257 -22.50 -5.88 -1.53
C ILE A 257 -22.81 -5.93 -3.02
N GLN A 258 -21.94 -5.32 -3.83
CA GLN A 258 -22.14 -5.27 -5.28
C GLN A 258 -22.08 -6.65 -5.92
N GLN A 259 -21.17 -7.49 -5.41
CA GLN A 259 -21.00 -8.83 -5.96
C GLN A 259 -22.13 -9.76 -5.56
N LYS A 260 -22.55 -9.68 -4.30
CA LYS A 260 -23.61 -10.54 -3.79
C LYS A 260 -24.96 -10.19 -4.39
N THR A 261 -25.08 -8.96 -4.88
CA THR A 261 -26.32 -8.50 -5.51
C THR A 261 -26.46 -9.11 -6.91
N ASP A 262 -25.35 -9.19 -7.63
CA ASP A 262 -25.36 -9.67 -9.01
C ASP A 262 -25.47 -11.19 -9.11
N GLU A 263 -25.16 -11.90 -8.02
CA GLU A 263 -25.18 -13.35 -8.03
C GLU A 263 -26.35 -13.90 -7.22
N ALA A 264 -27.14 -13.01 -6.62
CA ALA A 264 -28.29 -13.43 -5.82
C ALA A 264 -29.43 -12.42 -5.93
N PRO A 265 -30.47 -12.79 -6.69
CA PRO A 265 -31.65 -11.93 -6.88
C PRO A 265 -32.51 -11.83 -5.63
N ASP A 266 -32.46 -12.86 -4.79
CA ASP A 266 -33.22 -12.88 -3.54
C ASP A 266 -32.64 -11.90 -2.54
N PHE A 267 -31.35 -11.61 -2.68
CA PHE A 267 -30.66 -10.68 -1.79
C PHE A 267 -30.90 -9.23 -2.20
N LYS A 268 -30.93 -8.99 -3.50
CA LYS A 268 -31.11 -7.65 -4.04
C LYS A 268 -32.44 -7.03 -3.63
N GLU A 269 -33.50 -7.83 -3.67
CA GLU A 269 -34.84 -7.35 -3.35
C GLU A 269 -35.00 -7.06 -1.86
N PHE A 270 -34.37 -7.88 -1.02
CA PHE A 270 -34.50 -7.73 0.42
C PHE A 270 -33.80 -6.45 0.92
N VAL A 271 -32.77 -6.02 0.21
CA VAL A 271 -32.03 -4.82 0.57
C VAL A 271 -32.84 -3.56 0.25
N LYS A 272 -33.42 -3.53 -0.96
CA LYS A 272 -34.22 -2.39 -1.38
C LYS A 272 -35.51 -2.25 -0.57
N ARG A 273 -35.98 -3.37 -0.02
CA ARG A 273 -37.16 -3.36 0.83
C ARG A 273 -36.82 -2.85 2.24
N LEU A 274 -35.52 -2.66 2.48
CA LEU A 274 -35.07 -2.06 3.73
C LEU A 274 -34.72 -0.59 3.52
N ALA A 275 -34.51 -0.22 2.25
CA ALA A 275 -34.22 1.16 1.90
C ALA A 275 -35.51 1.92 1.65
N MET A 276 -36.64 1.22 1.77
CA MET A 276 -37.95 1.81 1.60
C MET A 276 -38.24 2.86 2.67
N ASP A 277 -37.78 2.58 3.89
CA ASP A 277 -38.04 3.41 5.06
C ASP A 277 -37.83 4.90 4.79
N PRO A 278 -38.80 5.74 5.19
CA PRO A 278 -38.77 7.19 4.93
C PRO A 278 -37.55 7.89 5.52
N ARG A 279 -36.91 7.28 6.50
CA ARG A 279 -35.72 7.85 7.11
C ARG A 279 -34.49 7.63 6.24
N CYS A 280 -34.62 6.75 5.23
CA CYS A 280 -33.54 6.53 4.28
C CYS A 280 -33.53 7.58 3.19
N LYS A 281 -34.68 8.22 2.99
CA LYS A 281 -34.85 9.24 1.94
C LYS A 281 -34.53 8.72 0.55
N GLY A 282 -34.69 7.41 0.36
CA GLY A 282 -34.54 6.80 -0.94
C GLY A 282 -33.10 6.56 -1.39
N MET A 283 -32.18 6.54 -0.43
CA MET A 283 -30.78 6.23 -0.76
C MET A 283 -30.44 4.81 -0.32
N PRO A 284 -29.64 4.10 -1.14
CA PRO A 284 -29.29 2.70 -0.87
C PRO A 284 -28.38 2.52 0.34
N LEU A 285 -28.18 1.27 0.74
CA LEU A 285 -27.33 0.94 1.88
C LEU A 285 -25.85 1.20 1.56
N SER A 286 -25.50 1.05 0.28
CA SER A 286 -24.11 1.24 -0.16
C SER A 286 -23.67 2.69 -0.07
N SER A 287 -24.62 3.59 0.14
CA SER A 287 -24.32 5.02 0.24
C SER A 287 -24.10 5.43 1.70
N PHE A 288 -24.63 4.63 2.63
CA PHE A 288 -24.43 4.87 4.06
C PHE A 288 -23.02 4.47 4.50
N ILE A 289 -22.43 3.53 3.77
CA ILE A 289 -21.12 3.00 4.12
C ILE A 289 -20.03 4.05 3.90
N LEU A 290 -20.31 5.01 3.03
CA LEU A 290 -19.35 6.06 2.69
C LEU A 290 -19.32 7.17 3.72
N LYS A 291 -20.35 7.23 4.56
CA LYS A 291 -20.49 8.31 5.54
C LYS A 291 -19.40 8.38 6.63
N PRO A 292 -18.99 7.22 7.20
CA PRO A 292 -17.93 7.31 8.21
C PRO A 292 -16.63 7.91 7.67
N MET A 293 -16.30 7.62 6.42
CA MET A 293 -15.09 8.17 5.80
C MET A 293 -15.26 9.66 5.54
N GLN A 294 -16.51 10.08 5.30
CA GLN A 294 -16.80 11.48 5.04
C GLN A 294 -16.74 12.31 6.32
N ARG A 295 -17.19 11.71 7.42
CA ARG A 295 -17.29 12.42 8.68
C ARG A 295 -15.93 12.74 9.29
N VAL A 296 -14.99 11.80 9.19
CA VAL A 296 -13.67 11.97 9.80
C VAL A 296 -12.86 13.04 9.08
N THR A 297 -13.12 13.20 7.78
CA THR A 297 -12.46 14.22 6.99
C THR A 297 -13.18 15.56 7.14
N ARG A 298 -14.38 15.50 7.70
CA ARG A 298 -15.19 16.70 7.89
C ARG A 298 -14.77 17.46 9.16
N TYR A 299 -14.34 16.71 10.17
CA TYR A 299 -13.95 17.29 11.46
C TYR A 299 -12.85 18.35 11.38
N PRO A 300 -11.73 18.07 10.67
CA PRO A 300 -10.69 19.12 10.65
C PRO A 300 -11.15 20.42 9.99
N LEU A 301 -12.06 20.31 9.03
CA LEU A 301 -12.60 21.49 8.36
C LEU A 301 -13.46 22.31 9.31
N ILE A 302 -14.24 21.61 10.13
CA ILE A 302 -15.15 22.26 11.07
C ILE A 302 -14.39 22.92 12.22
N ILE A 303 -13.53 22.15 12.88
CA ILE A 303 -12.77 22.63 14.03
C ILE A 303 -11.92 23.85 13.67
N LYS A 304 -11.30 23.82 12.49
CA LYS A 304 -10.48 24.93 12.03
C LYS A 304 -11.31 26.20 11.86
N ASN A 305 -12.53 26.04 11.34
CA ASN A 305 -13.45 27.16 11.20
C ASN A 305 -13.80 27.77 12.55
N ILE A 306 -13.92 26.92 13.57
CA ILE A 306 -14.18 27.39 14.92
C ILE A 306 -12.93 28.04 15.50
N LEU A 307 -11.78 27.42 15.23
CA LEU A 307 -10.51 27.91 15.74
C LEU A 307 -10.14 29.27 15.16
N GLU A 308 -10.38 29.45 13.87
CA GLU A 308 -10.06 30.71 13.20
C GLU A 308 -10.93 31.86 13.69
N ASN A 309 -12.09 31.53 14.24
CA ASN A 309 -13.00 32.55 14.77
C ASN A 309 -12.94 32.60 16.29
N THR A 310 -11.84 32.13 16.85
CA THR A 310 -11.63 32.16 18.30
C THR A 310 -10.32 32.88 18.63
N PRO A 311 -10.40 33.98 19.38
CA PRO A 311 -9.23 34.80 19.73
C PRO A 311 -8.23 34.06 20.62
N GLU A 312 -7.02 34.59 20.73
CA GLU A 312 -5.96 33.96 21.51
C GLU A 312 -6.28 33.93 23.00
N ASN A 313 -6.79 35.04 23.52
CA ASN A 313 -7.06 35.18 24.94
C ASN A 313 -8.28 34.38 25.41
N HIS A 314 -9.03 33.85 24.44
CA HIS A 314 -10.21 33.04 24.76
C HIS A 314 -9.78 31.68 25.33
N PRO A 315 -10.43 31.25 26.42
CA PRO A 315 -10.08 30.01 27.12
C PRO A 315 -10.33 28.75 26.29
N ASP A 316 -11.05 28.88 25.19
CA ASP A 316 -11.38 27.74 24.35
C ASP A 316 -10.37 27.60 23.20
N HIS A 317 -9.51 28.59 23.04
CA HIS A 317 -8.54 28.60 21.95
C HIS A 317 -7.50 27.50 22.10
N SER A 318 -7.09 27.23 23.33
CA SER A 318 -6.09 26.21 23.61
C SER A 318 -6.60 24.80 23.31
N HIS A 319 -7.84 24.54 23.70
CA HIS A 319 -8.43 23.22 23.50
C HIS A 319 -8.71 22.94 22.03
N LEU A 320 -9.04 23.99 21.29
CA LEU A 320 -9.32 23.86 19.86
C LEU A 320 -8.05 23.54 19.09
N LYS A 321 -6.91 24.00 19.59
CA LYS A 321 -5.62 23.67 19.00
C LYS A 321 -5.37 22.17 19.10
N HIS A 322 -5.50 21.62 20.31
CA HIS A 322 -5.33 20.19 20.53
C HIS A 322 -6.36 19.40 19.73
N ALA A 323 -7.60 19.90 19.72
CA ALA A 323 -8.68 19.23 19.00
C ALA A 323 -8.36 19.14 17.51
N LEU A 324 -7.79 20.20 16.95
CA LEU A 324 -7.42 20.21 15.55
C LEU A 324 -6.28 19.25 15.28
N GLU A 325 -5.33 19.20 16.22
CA GLU A 325 -4.21 18.28 16.13
C GLU A 325 -4.69 16.84 16.14
N LYS A 326 -5.52 16.50 17.12
CA LYS A 326 -6.05 15.15 17.25
C LYS A 326 -6.91 14.76 16.06
N ALA A 327 -7.70 15.71 15.56
CA ALA A 327 -8.58 15.46 14.41
C ALA A 327 -7.76 15.15 13.16
N GLU A 328 -6.66 15.88 12.99
CA GLU A 328 -5.78 15.67 11.84
C GLU A 328 -4.93 14.41 12.01
N GLU A 329 -4.58 14.10 13.25
CA GLU A 329 -3.85 12.86 13.54
C GLU A 329 -4.77 11.66 13.33
N LEU A 330 -6.02 11.79 13.75
CA LEU A 330 -7.01 10.75 13.56
C LEU A 330 -7.30 10.55 12.08
N CYS A 331 -7.34 11.65 11.34
CA CYS A 331 -7.62 11.60 9.91
C CYS A 331 -6.43 11.01 9.14
N SER A 332 -5.22 11.30 9.60
CA SER A 332 -4.01 10.79 8.95
C SER A 332 -3.90 9.28 9.06
N GLN A 333 -4.17 8.76 10.25
CA GLN A 333 -4.09 7.32 10.49
C GLN A 333 -5.16 6.57 9.72
N VAL A 334 -6.27 7.27 9.44
CA VAL A 334 -7.35 6.70 8.66
C VAL A 334 -6.91 6.54 7.21
N ASN A 335 -6.30 7.58 6.65
CA ASN A 335 -5.85 7.55 5.26
C ASN A 335 -4.70 6.55 5.05
N GLU A 336 -3.92 6.34 6.10
CA GLU A 336 -2.82 5.37 6.05
C GLU A 336 -3.36 3.95 5.92
N GLY A 337 -4.41 3.65 6.67
CA GLY A 337 -5.04 2.34 6.62
C GLY A 337 -5.71 2.06 5.30
N VAL A 338 -6.26 3.10 4.67
CA VAL A 338 -6.92 2.96 3.38
C VAL A 338 -5.92 2.64 2.28
N ARG A 339 -4.80 3.34 2.29
CA ARG A 339 -3.75 3.14 1.28
C ARG A 339 -3.11 1.76 1.39
N GLU A 340 -2.65 1.42 2.58
CA GLU A 340 -2.02 0.12 2.82
C GLU A 340 -3.08 -0.99 2.82
N LYS A 341 -3.58 -1.29 1.62
CA LYS A 341 -4.65 -2.25 1.45
C LYS A 341 -4.20 -3.68 1.75
N GLU A 342 -3.02 -4.04 1.24
CA GLU A 342 -2.49 -5.39 1.42
C GLU A 342 -2.27 -5.71 2.89
N ASN A 343 -1.80 -4.72 3.65
CA ASN A 343 -1.58 -4.90 5.08
C ASN A 343 -2.90 -5.07 5.83
N SER A 344 -3.95 -4.47 5.30
CA SER A 344 -5.27 -4.53 5.92
C SER A 344 -5.90 -5.91 5.73
N ASP A 345 -5.70 -6.50 4.56
CA ASP A 345 -6.24 -7.83 4.27
C ASP A 345 -5.57 -8.89 5.15
N ARG A 346 -4.28 -8.72 5.40
CA ARG A 346 -3.53 -9.69 6.19
C ARG A 346 -3.94 -9.67 7.66
N LEU A 347 -4.11 -8.47 8.21
CA LEU A 347 -4.50 -8.32 9.61
C LEU A 347 -5.90 -8.86 9.87
N GLU A 348 -6.80 -8.63 8.92
CA GLU A 348 -8.15 -9.14 9.03
C GLU A 348 -8.18 -10.66 8.83
N TRP A 349 -7.26 -11.15 7.99
CA TRP A 349 -7.14 -12.59 7.77
C TRP A 349 -6.72 -13.27 9.06
N ILE A 350 -5.76 -12.66 9.75
CA ILE A 350 -5.27 -13.17 11.02
C ILE A 350 -6.39 -13.14 12.07
N GLN A 351 -7.23 -12.11 12.00
CA GLN A 351 -8.33 -11.94 12.94
C GLN A 351 -9.27 -13.14 12.93
N ALA A 352 -9.55 -13.65 11.74
CA ALA A 352 -10.54 -14.71 11.57
C ALA A 352 -9.97 -16.12 11.72
N HIS A 353 -8.69 -16.28 11.41
CA HIS A 353 -8.09 -17.62 11.39
C HIS A 353 -7.23 -17.92 12.61
N VAL A 354 -6.95 -16.91 13.42
CA VAL A 354 -6.17 -17.10 14.63
C VAL A 354 -7.02 -16.88 15.88
N GLN A 355 -7.33 -17.97 16.58
CA GLN A 355 -8.16 -17.90 17.77
C GLN A 355 -7.36 -17.44 18.99
N CYS A 356 -7.62 -16.21 19.42
CA CYS A 356 -6.95 -15.65 20.59
C CYS A 356 -7.94 -15.44 21.74
N GLU A 357 -7.86 -16.31 22.74
CA GLU A 357 -8.76 -16.24 23.88
C GLU A 357 -7.99 -16.26 25.20
N GLY A 358 -8.65 -15.89 26.28
CA GLY A 358 -8.04 -15.90 27.60
C GLY A 358 -7.31 -14.62 27.94
N LEU A 359 -7.54 -13.59 27.14
CA LEU A 359 -6.92 -12.29 27.38
C LEU A 359 -7.87 -11.36 28.14
N SER A 360 -7.32 -10.33 28.76
CA SER A 360 -8.11 -9.35 29.49
C SER A 360 -8.99 -8.56 28.53
N GLU A 361 -8.51 -8.39 27.31
CA GLU A 361 -9.26 -7.70 26.27
C GLU A 361 -9.15 -8.47 24.95
N GLN A 362 -10.24 -8.48 24.18
CA GLN A 362 -10.24 -9.15 22.88
C GLN A 362 -9.19 -8.52 21.96
N LEU A 363 -8.48 -9.36 21.24
CA LEU A 363 -7.40 -8.89 20.39
C LEU A 363 -7.90 -8.56 18.99
N VAL A 364 -7.76 -7.30 18.61
CA VAL A 364 -8.12 -6.85 17.27
C VAL A 364 -6.86 -6.50 16.50
N PHE A 365 -6.50 -7.35 15.54
CA PHE A 365 -5.25 -7.18 14.81
C PHE A 365 -5.28 -5.95 13.91
N ASN A 366 -6.37 -5.79 13.17
CA ASN A 366 -6.52 -4.65 12.28
C ASN A 366 -6.94 -3.39 13.04
N SER A 367 -6.08 -2.95 13.95
CA SER A 367 -6.39 -1.78 14.78
C SER A 367 -5.14 -0.96 15.07
N VAL A 368 -5.25 -0.08 16.06
CA VAL A 368 -4.15 0.81 16.43
C VAL A 368 -3.27 0.20 17.51
N THR A 369 -1.96 0.40 17.39
CA THR A 369 -1.02 -0.05 18.40
C THR A 369 -1.01 0.92 19.59
N ASN A 370 -0.24 0.58 20.61
CA ASN A 370 -0.15 1.41 21.81
C ASN A 370 0.59 2.71 21.54
N CYS A 371 1.63 2.65 20.71
CA CYS A 371 2.47 3.81 20.48
C CYS A 371 2.73 4.10 19.00
N LEU A 372 2.87 3.04 18.21
CA LEU A 372 3.30 3.19 16.82
C LEU A 372 2.15 3.51 15.87
N GLY A 373 0.94 3.53 16.38
CA GLY A 373 -0.23 3.83 15.56
C GLY A 373 -0.82 2.61 14.90
N PRO A 374 -1.18 2.73 13.62
CA PRO A 374 -1.75 1.62 12.84
C PRO A 374 -0.84 0.40 12.82
N ARG A 375 -1.36 -0.75 13.26
CA ARG A 375 -0.57 -1.97 13.31
C ARG A 375 -0.21 -2.45 11.91
N LYS A 376 1.01 -2.94 11.76
CA LYS A 376 1.48 -3.42 10.46
C LYS A 376 2.08 -4.82 10.57
N PHE A 377 1.59 -5.73 9.74
CA PHE A 377 2.15 -7.08 9.66
C PHE A 377 3.52 -7.03 9.01
N LEU A 378 4.47 -7.77 9.58
CA LEU A 378 5.84 -7.72 9.10
C LEU A 378 6.31 -9.04 8.49
N HIS A 379 6.15 -10.13 9.25
CA HIS A 379 6.67 -11.42 8.81
C HIS A 379 5.93 -12.58 9.49
N SER A 380 5.92 -13.72 8.83
CA SER A 380 5.34 -14.94 9.39
C SER A 380 6.08 -16.16 8.87
N GLY A 381 5.91 -17.29 9.54
CA GLY A 381 6.55 -18.52 9.15
C GLY A 381 6.65 -19.52 10.28
N LYS A 382 7.05 -20.74 9.96
CA LYS A 382 7.20 -21.80 10.96
C LYS A 382 8.40 -21.54 11.87
N LEU A 383 8.20 -21.72 13.17
CA LEU A 383 9.27 -21.52 14.14
C LEU A 383 9.34 -22.68 15.13
N TYR A 384 10.50 -23.32 15.19
CA TYR A 384 10.69 -24.46 16.07
C TYR A 384 11.46 -24.06 17.32
N LYS A 385 10.85 -24.21 18.49
CA LYS A 385 11.52 -23.92 19.75
C LYS A 385 12.59 -24.97 20.03
N ALA A 386 13.79 -24.51 20.37
CA ALA A 386 14.90 -25.41 20.67
C ALA A 386 14.63 -26.19 21.95
N LYS A 387 15.17 -27.41 22.02
CA LYS A 387 15.09 -28.28 23.20
C LYS A 387 13.67 -28.86 23.34
N SER A 388 12.80 -28.49 22.42
CA SER A 388 11.44 -29.02 22.42
C SER A 388 11.01 -29.41 21.01
N ASN A 389 11.50 -28.66 20.02
CA ASN A 389 11.21 -28.91 18.61
C ASN A 389 9.71 -28.93 18.32
N LYS A 390 8.97 -28.08 19.03
CA LYS A 390 7.52 -28.02 18.88
C LYS A 390 7.13 -27.22 17.63
N GLU A 391 6.22 -27.76 16.85
CA GLU A 391 5.76 -27.10 15.64
C GLU A 391 4.90 -25.88 15.95
N LEU A 392 5.47 -24.69 15.77
CA LEU A 392 4.76 -23.45 16.04
C LEU A 392 4.73 -22.55 14.80
N TYR A 393 3.74 -21.68 14.74
CA TYR A 393 3.63 -20.73 13.64
C TYR A 393 3.55 -19.30 14.17
N GLY A 394 4.53 -18.48 13.81
CA GLY A 394 4.64 -17.15 14.35
C GLY A 394 4.19 -16.03 13.43
N PHE A 395 3.52 -15.04 14.01
CA PHE A 395 3.15 -13.83 13.30
C PHE A 395 3.89 -12.63 13.90
N LEU A 396 4.67 -11.94 13.07
CA LEU A 396 5.43 -10.79 13.53
C LEU A 396 4.77 -9.48 13.12
N PHE A 397 4.52 -8.61 14.10
CA PHE A 397 3.94 -7.31 13.84
C PHE A 397 4.92 -6.21 14.23
N ASN A 398 4.51 -4.96 14.01
CA ASN A 398 5.36 -3.82 14.30
C ASN A 398 5.48 -3.54 15.79
N ASP A 399 4.53 -4.06 16.57
CA ASP A 399 4.51 -3.78 18.00
C ASP A 399 4.74 -5.04 18.85
N PHE A 400 4.31 -6.19 18.34
CA PHE A 400 4.52 -7.45 19.07
C PHE A 400 4.68 -8.65 18.15
N LEU A 401 5.08 -9.77 18.74
CA LEU A 401 5.21 -11.04 18.02
C LEU A 401 4.19 -12.03 18.56
N LEU A 402 3.43 -12.65 17.67
CA LEU A 402 2.41 -13.61 18.08
C LEU A 402 2.83 -15.04 17.73
N LEU A 403 2.93 -15.88 18.76
CA LEU A 403 3.25 -17.29 18.56
C LEU A 403 1.97 -18.13 18.59
N THR A 404 1.78 -18.97 17.57
CA THR A 404 0.61 -19.82 17.49
C THR A 404 1.00 -21.26 17.18
N GLN A 405 0.01 -22.14 17.14
CA GLN A 405 0.23 -23.54 16.80
C GLN A 405 -0.83 -24.00 15.79
N ILE A 406 -0.39 -24.47 14.64
CA ILE A 406 -1.29 -24.90 13.58
C ILE A 406 -2.08 -26.13 13.98
N THR A 407 -3.40 -26.02 13.94
CA THR A 407 -4.29 -27.13 14.29
C THR A 407 -4.51 -28.05 13.08
N VAL A 418 -1.33 -19.33 2.86
CA VAL A 418 -1.08 -18.61 4.09
C VAL A 418 -1.93 -17.35 4.18
N PHE A 419 -2.03 -16.62 3.07
CA PHE A 419 -2.89 -15.45 3.02
C PHE A 419 -3.92 -15.56 1.91
N SER A 420 -4.11 -16.77 1.39
CA SER A 420 -5.12 -17.02 0.37
C SER A 420 -6.51 -17.02 1.00
N PRO A 421 -7.44 -16.26 0.40
CA PRO A 421 -8.81 -16.15 0.94
C PRO A 421 -9.59 -17.45 0.92
N LYS A 422 -9.49 -18.22 -0.16
CA LYS A 422 -10.22 -19.48 -0.27
C LYS A 422 -9.69 -20.52 0.72
N SER A 423 -8.37 -20.59 0.85
CA SER A 423 -7.76 -21.56 1.76
C SER A 423 -8.04 -21.18 3.20
N ASN A 424 -8.65 -22.10 3.94
CA ASN A 424 -8.96 -21.88 5.35
C ASN A 424 -8.40 -22.95 6.27
N LEU A 425 -7.54 -22.54 7.19
CA LEU A 425 -6.99 -23.45 8.19
C LEU A 425 -6.86 -22.71 9.51
N GLN A 426 -6.93 -23.46 10.61
CA GLN A 426 -7.08 -22.86 11.93
C GLN A 426 -5.77 -22.67 12.69
N TYR A 427 -5.59 -21.48 13.26
CA TYR A 427 -4.46 -21.20 14.13
C TYR A 427 -4.94 -20.99 15.56
N LYS A 428 -4.28 -21.67 16.51
CA LYS A 428 -4.61 -21.47 17.92
C LYS A 428 -3.47 -20.72 18.62
N MET A 429 -3.83 -19.70 19.39
CA MET A 429 -2.86 -18.89 20.11
C MET A 429 -2.07 -19.75 21.11
N TYR A 430 -0.75 -19.62 21.07
CA TYR A 430 0.13 -20.45 21.90
C TYR A 430 0.40 -19.79 23.25
N LYS A 431 1.00 -18.61 23.21
CA LYS A 431 1.32 -17.88 24.44
C LYS A 431 1.00 -16.40 24.33
N THR A 432 1.17 -15.68 25.45
CA THR A 432 0.92 -14.25 25.52
C THR A 432 1.79 -13.48 24.52
N PRO A 433 1.16 -12.58 23.74
CA PRO A 433 1.84 -11.73 22.75
C PRO A 433 3.07 -11.03 23.31
N ILE A 434 4.23 -11.35 22.75
CA ILE A 434 5.49 -10.75 23.19
C ILE A 434 5.72 -9.41 22.53
N PHE A 435 5.60 -8.34 23.32
CA PHE A 435 5.79 -6.98 22.81
C PHE A 435 7.27 -6.71 22.56
N LEU A 436 7.55 -5.91 21.54
CA LEU A 436 8.92 -5.66 21.10
C LEU A 436 9.56 -4.47 21.81
N ASN A 437 8.91 -3.99 22.87
CA ASN A 437 9.48 -2.90 23.66
C ASN A 437 10.34 -3.42 24.80
N GLU A 438 10.57 -4.72 24.82
CA GLU A 438 11.34 -5.36 25.87
C GLU A 438 11.97 -6.66 25.39
N VAL A 439 12.68 -6.59 24.27
CA VAL A 439 13.32 -7.77 23.69
C VAL A 439 14.62 -7.40 22.97
N LEU A 440 15.62 -8.28 23.09
CA LEU A 440 16.88 -8.10 22.39
C LEU A 440 17.17 -9.33 21.54
N VAL A 441 17.81 -9.14 20.40
CA VAL A 441 18.06 -10.25 19.47
C VAL A 441 19.54 -10.34 19.10
N LYS A 442 20.13 -11.51 19.33
CA LYS A 442 21.52 -11.76 18.95
C LYS A 442 21.65 -13.09 18.22
N LEU A 443 22.84 -13.35 17.68
CA LEU A 443 23.10 -14.58 16.95
C LEU A 443 24.12 -15.45 17.68
N PRO A 444 23.94 -16.77 17.64
CA PRO A 444 24.86 -17.70 18.32
C PRO A 444 26.21 -17.78 17.62
N PRO A 452 19.70 -22.54 11.28
CA PRO A 452 18.62 -21.53 11.25
C PRO A 452 18.14 -21.17 12.65
N ILE A 453 19.03 -21.21 13.62
CA ILE A 453 18.68 -20.92 15.01
C ILE A 453 19.06 -19.49 15.38
N PHE A 454 18.10 -18.76 15.96
CA PHE A 454 18.34 -17.39 16.40
C PHE A 454 17.81 -17.19 17.82
N HIS A 455 18.39 -16.24 18.55
CA HIS A 455 18.01 -16.00 19.93
C HIS A 455 17.34 -14.64 20.12
N ILE A 456 16.19 -14.64 20.79
CA ILE A 456 15.57 -13.40 21.22
C ILE A 456 15.60 -13.35 22.75
N SER A 457 15.87 -12.17 23.30
CA SER A 457 16.09 -12.06 24.73
C SER A 457 14.98 -11.29 25.44
N HIS A 458 14.05 -12.04 26.04
CA HIS A 458 13.04 -11.46 26.92
C HIS A 458 13.61 -11.41 28.33
N ILE A 459 13.31 -10.34 29.07
CA ILE A 459 13.85 -10.16 30.41
C ILE A 459 13.38 -11.27 31.36
N ASP A 460 12.11 -11.63 31.26
CA ASP A 460 11.52 -12.63 32.14
C ASP A 460 11.89 -14.06 31.75
N ARG A 461 11.69 -14.41 30.48
CA ARG A 461 11.92 -15.76 30.02
C ARG A 461 12.88 -15.80 28.83
N VAL A 462 13.44 -16.97 28.55
CA VAL A 462 14.35 -17.12 27.43
C VAL A 462 13.70 -17.94 26.31
N TYR A 463 13.78 -17.43 25.09
CA TYR A 463 13.22 -18.12 23.94
C TYR A 463 14.27 -18.35 22.85
N THR A 464 14.47 -19.61 22.50
CA THR A 464 15.39 -19.97 21.41
C THR A 464 14.61 -20.66 20.29
N LEU A 465 14.51 -20.01 19.15
CA LEU A 465 13.70 -20.53 18.05
C LEU A 465 14.56 -20.88 16.84
N ARG A 466 14.12 -21.89 16.09
CA ARG A 466 14.81 -22.31 14.88
C ARG A 466 13.91 -22.16 13.67
N ALA A 467 14.35 -21.35 12.71
CA ALA A 467 13.56 -21.07 11.51
C ALA A 467 13.64 -22.22 10.51
N GLU A 468 12.97 -22.04 9.38
CA GLU A 468 12.96 -23.06 8.33
C GLU A 468 14.33 -23.16 7.66
N SER A 469 14.95 -22.01 7.41
CA SER A 469 16.25 -21.97 6.76
C SER A 469 17.09 -20.81 7.28
N ILE A 470 18.29 -20.65 6.72
CA ILE A 470 19.19 -19.58 7.11
C ILE A 470 18.66 -18.22 6.65
N ASN A 471 18.13 -18.19 5.44
CA ASN A 471 17.56 -16.96 4.89
C ASN A 471 16.33 -16.52 5.66
N GLU A 472 15.72 -17.44 6.39
CA GLU A 472 14.53 -17.13 7.18
C GLU A 472 14.88 -16.50 8.52
N ARG A 473 15.87 -17.05 9.20
CA ARG A 473 16.26 -16.53 10.52
C ARG A 473 16.85 -15.13 10.40
N THR A 474 17.43 -14.82 9.26
CA THR A 474 17.97 -13.49 9.01
C THR A 474 16.84 -12.50 8.77
N ALA A 475 15.72 -13.01 8.26
CA ALA A 475 14.53 -12.19 8.05
C ALA A 475 13.83 -11.93 9.37
N TRP A 476 13.91 -12.90 10.28
CA TRP A 476 13.35 -12.75 11.62
C TRP A 476 14.15 -11.73 12.44
N VAL A 477 15.45 -11.99 12.58
CA VAL A 477 16.33 -11.15 13.37
C VAL A 477 16.29 -9.68 12.92
N GLN A 478 16.34 -9.47 11.61
CA GLN A 478 16.34 -8.11 11.06
C GLN A 478 15.03 -7.36 11.34
N LYS A 479 13.91 -8.00 11.03
CA LYS A 479 12.61 -7.36 11.18
C LYS A 479 12.22 -7.15 12.64
N ILE A 480 12.60 -8.10 13.49
CA ILE A 480 12.30 -7.97 14.92
C ILE A 480 13.12 -6.84 15.54
N LYS A 481 14.41 -6.82 15.23
CA LYS A 481 15.31 -5.80 15.76
C LYS A 481 14.93 -4.40 15.28
N ALA A 482 14.63 -4.28 13.99
CA ALA A 482 14.27 -2.99 13.41
C ALA A 482 12.98 -2.42 14.01
N ALA A 483 12.00 -3.28 14.18
CA ALA A 483 10.71 -2.87 14.75
C ALA A 483 10.83 -2.62 16.25
N SER A 484 11.81 -3.26 16.88
CA SER A 484 12.04 -3.08 18.30
C SER A 484 12.68 -1.73 18.59
N GLU A 485 13.72 -1.40 17.82
CA GLU A 485 14.43 -0.14 18.00
C GLU A 485 13.53 1.05 17.68
N LEU A 486 12.62 0.86 16.73
CA LEU A 486 11.66 1.90 16.37
C LEU A 486 10.67 2.10 17.50
N TYR A 487 10.34 1.01 18.20
CA TYR A 487 9.41 1.05 19.32
C TYR A 487 10.07 1.72 20.53
N ILE A 488 11.31 1.32 20.82
CA ILE A 488 12.04 1.84 21.96
C ILE A 488 12.25 3.35 21.87
N GLU A 489 12.69 3.82 20.70
CA GLU A 489 12.95 5.24 20.50
C GLU A 489 11.67 6.07 20.50
N THR A 490 10.56 5.44 20.11
CA THR A 490 9.27 6.10 20.14
C THR A 490 8.77 6.26 21.58
N GLU A 491 9.08 5.27 22.41
CA GLU A 491 8.69 5.29 23.81
C GLU A 491 9.54 6.28 24.61
N LYS A 492 10.73 6.57 24.10
CA LYS A 492 11.65 7.51 24.75
C LYS A 492 11.27 8.96 24.51
N LYS A 493 10.33 9.20 23.58
CA LYS A 493 9.88 10.55 23.28
C LYS A 493 9.24 11.21 24.48
N LYS A 494 8.48 10.42 25.25
CA LYS A 494 7.84 10.91 26.47
C LYS A 494 8.21 10.04 27.66
N LEU B 2 -7.98 9.27 -18.59
CA LEU B 2 -8.00 7.84 -18.81
C LEU B 2 -8.46 7.09 -17.57
N THR B 3 -9.03 5.91 -17.78
CA THR B 3 -9.50 5.07 -16.68
C THR B 3 -8.33 4.63 -15.80
N PRO B 4 -8.58 4.48 -14.48
CA PRO B 4 -7.55 4.06 -13.52
C PRO B 4 -6.90 2.72 -13.89
N THR B 5 -7.62 1.87 -14.61
CA THR B 5 -7.09 0.59 -15.06
C THR B 5 -5.97 0.79 -16.06
N GLU B 6 -6.27 1.54 -17.13
CA GLU B 6 -5.27 1.86 -18.15
C GLU B 6 -4.18 2.75 -17.55
N ARG B 7 -4.56 3.56 -16.59
CA ARG B 7 -3.64 4.46 -15.90
C ARG B 7 -2.61 3.65 -15.12
N LYS B 8 -3.07 2.72 -14.28
CA LYS B 8 -2.19 1.86 -13.50
C LYS B 8 -1.34 0.96 -14.39
N ARG B 9 -1.88 0.61 -15.55
CA ARG B 9 -1.17 -0.26 -16.48
C ARG B 9 0.14 0.37 -16.94
N GLN B 10 0.07 1.63 -17.37
CA GLN B 10 1.26 2.34 -17.83
C GLN B 10 2.24 2.57 -16.69
N GLY B 11 1.71 2.72 -15.47
CA GLY B 11 2.54 2.96 -14.32
C GLY B 11 3.40 1.76 -13.94
N TYR B 12 2.84 0.57 -14.08
CA TYR B 12 3.56 -0.66 -13.75
C TYR B 12 4.47 -1.09 -14.89
N ILE B 13 4.08 -0.76 -16.12
CA ILE B 13 4.92 -1.03 -17.27
C ILE B 13 6.24 -0.26 -17.17
N HIS B 14 6.15 1.00 -16.76
CA HIS B 14 7.34 1.82 -16.62
C HIS B 14 8.06 1.55 -15.30
N GLU B 15 7.35 0.94 -14.35
CA GLU B 15 7.97 0.50 -13.11
C GLU B 15 8.93 -0.63 -13.43
N LEU B 16 8.54 -1.46 -14.40
CA LEU B 16 9.38 -2.56 -14.86
C LEU B 16 10.63 -2.01 -15.54
N ILE B 17 10.44 -1.01 -16.40
CA ILE B 17 11.53 -0.46 -17.19
C ILE B 17 12.54 0.31 -16.33
N VAL B 18 12.04 1.20 -15.47
CA VAL B 18 12.91 2.03 -14.65
C VAL B 18 13.70 1.21 -13.63
N THR B 19 13.02 0.28 -12.96
CA THR B 19 13.69 -0.57 -11.97
C THR B 19 14.69 -1.53 -12.63
N GLU B 20 14.40 -1.91 -13.87
CA GLU B 20 15.34 -2.73 -14.64
C GLU B 20 16.58 -1.91 -14.99
N GLU B 21 16.38 -0.64 -15.30
CA GLU B 21 17.47 0.29 -15.57
C GLU B 21 18.39 0.42 -14.37
N ASN B 22 17.79 0.55 -13.18
CA ASN B 22 18.55 0.65 -11.94
C ASN B 22 19.29 -0.63 -11.63
N TYR B 23 18.64 -1.77 -11.88
CA TYR B 23 19.22 -3.07 -11.59
C TYR B 23 20.44 -3.35 -12.47
N VAL B 24 20.26 -3.24 -13.78
CA VAL B 24 21.35 -3.46 -14.73
C VAL B 24 22.53 -2.53 -14.45
N ASN B 25 22.20 -1.30 -14.06
CA ASN B 25 23.23 -0.32 -13.70
C ASN B 25 24.05 -0.77 -12.50
N ASP B 26 23.38 -1.35 -11.51
CA ASP B 26 24.06 -1.87 -10.32
C ASP B 26 24.97 -3.03 -10.66
N LEU B 27 24.56 -3.86 -11.63
CA LEU B 27 25.34 -5.01 -12.05
C LEU B 27 26.64 -4.58 -12.72
N GLN B 28 26.56 -3.56 -13.57
CA GLN B 28 27.73 -3.11 -14.31
C GLN B 28 28.72 -2.38 -13.42
N LEU B 29 28.23 -1.83 -12.31
CA LEU B 29 29.07 -1.14 -11.35
C LEU B 29 30.01 -2.12 -10.64
N VAL B 30 29.44 -3.21 -10.14
CA VAL B 30 30.21 -4.24 -9.44
C VAL B 30 31.31 -4.80 -10.34
N THR B 31 31.01 -4.96 -11.62
CA THR B 31 31.99 -5.42 -12.59
C THR B 31 33.06 -4.35 -12.82
N GLU B 32 32.66 -3.09 -12.75
CA GLU B 32 33.55 -1.98 -13.05
C GLU B 32 34.47 -1.61 -11.90
N ILE B 33 33.90 -1.46 -10.70
CA ILE B 33 34.67 -0.95 -9.56
C ILE B 33 34.85 -1.95 -8.43
N PHE B 34 34.59 -3.23 -8.71
CA PHE B 34 34.84 -4.29 -7.72
C PHE B 34 35.50 -5.50 -8.36
N GLN B 35 34.93 -5.97 -9.47
CA GLN B 35 35.41 -7.18 -10.11
C GLN B 35 36.79 -7.00 -10.74
N LYS B 36 36.88 -6.10 -11.71
CA LYS B 36 38.15 -5.81 -12.39
C LYS B 36 39.27 -5.33 -11.46
N PRO B 37 38.96 -4.47 -10.46
CA PRO B 37 40.05 -4.11 -9.54
C PRO B 37 40.59 -5.28 -8.72
N LEU B 38 39.70 -6.13 -8.20
CA LEU B 38 40.11 -7.26 -7.37
C LEU B 38 40.91 -8.31 -8.14
N MET B 39 40.58 -8.47 -9.41
CA MET B 39 41.26 -9.46 -10.25
C MET B 39 42.70 -9.06 -10.55
N GLU B 40 42.93 -7.76 -10.69
CA GLU B 40 44.27 -7.25 -11.03
C GLU B 40 45.02 -6.77 -9.79
N SER B 41 44.38 -6.86 -8.63
CA SER B 41 45.01 -6.44 -7.38
C SER B 41 45.99 -7.48 -6.88
N GLU B 42 45.80 -8.71 -7.34
CA GLU B 42 46.64 -9.85 -6.94
C GLU B 42 46.58 -10.09 -5.43
N LEU B 43 45.48 -9.70 -4.81
CA LEU B 43 45.26 -9.96 -3.39
C LEU B 43 44.68 -11.35 -3.18
N LEU B 44 43.89 -11.80 -4.15
CA LEU B 44 43.27 -13.11 -4.09
C LEU B 44 43.70 -13.97 -5.28
N THR B 45 43.50 -15.28 -5.18
CA THR B 45 43.80 -16.18 -6.27
C THR B 45 42.66 -16.17 -7.29
N GLU B 46 42.91 -16.75 -8.46
CA GLU B 46 41.90 -16.80 -9.52
C GLU B 46 40.72 -17.66 -9.10
N LYS B 47 40.95 -18.56 -8.14
CA LYS B 47 39.91 -19.45 -7.65
C LYS B 47 38.99 -18.75 -6.65
N GLU B 48 39.59 -17.93 -5.78
CA GLU B 48 38.85 -17.23 -4.74
C GLU B 48 37.91 -16.17 -5.31
N VAL B 49 38.33 -15.52 -6.38
CA VAL B 49 37.51 -14.48 -7.01
C VAL B 49 36.27 -15.10 -7.64
N ALA B 50 36.43 -16.26 -8.24
CA ALA B 50 35.33 -16.94 -8.92
C ALA B 50 34.31 -17.52 -7.93
N MET B 51 34.71 -17.63 -6.67
CA MET B 51 33.81 -18.16 -5.64
C MET B 51 32.80 -17.11 -5.21
N ILE B 52 33.18 -15.84 -5.33
CA ILE B 52 32.32 -14.74 -4.93
C ILE B 52 31.35 -14.34 -6.04
N PHE B 53 31.91 -13.78 -7.11
CA PHE B 53 31.12 -13.27 -8.22
C PHE B 53 30.46 -14.39 -9.03
N VAL B 54 31.14 -15.54 -9.10
CA VAL B 54 30.67 -16.72 -9.83
C VAL B 54 30.35 -16.37 -11.29
N ASN B 55 29.08 -16.46 -11.68
CA ASN B 55 28.68 -16.19 -13.06
C ASN B 55 28.03 -14.81 -13.20
N TRP B 56 28.59 -13.84 -12.49
CA TRP B 56 28.07 -12.48 -12.49
C TRP B 56 28.00 -11.86 -13.88
N LYS B 57 29.03 -12.13 -14.68
CA LYS B 57 29.08 -11.64 -16.06
C LYS B 57 27.87 -12.10 -16.87
N GLU B 58 27.49 -13.37 -16.71
CA GLU B 58 26.37 -13.94 -17.46
C GLU B 58 25.04 -13.34 -17.03
N LEU B 59 24.96 -12.91 -15.78
CA LEU B 59 23.77 -12.25 -15.27
C LEU B 59 23.55 -10.93 -16.00
N ILE B 60 24.64 -10.21 -16.25
CA ILE B 60 24.60 -8.95 -16.97
C ILE B 60 24.17 -9.17 -18.42
N MET B 61 24.70 -10.22 -19.03
CA MET B 61 24.41 -10.52 -20.44
C MET B 61 22.92 -10.82 -20.65
N CYS B 62 22.27 -11.34 -19.61
CA CYS B 62 20.84 -11.67 -19.68
C CYS B 62 19.96 -10.42 -19.63
N ASN B 63 20.17 -9.60 -18.61
CA ASN B 63 19.31 -8.44 -18.40
C ASN B 63 19.57 -7.32 -19.41
N ILE B 64 20.81 -7.19 -19.86
CA ILE B 64 21.15 -6.22 -20.89
C ILE B 64 20.36 -6.51 -22.17
N LYS B 65 20.26 -7.79 -22.51
CA LYS B 65 19.46 -8.22 -23.64
C LYS B 65 17.99 -7.86 -23.42
N LEU B 66 17.56 -7.91 -22.18
CA LEU B 66 16.19 -7.54 -21.81
C LEU B 66 15.99 -6.04 -21.84
N LEU B 67 16.92 -5.31 -21.23
CA LEU B 67 16.83 -3.85 -21.14
C LEU B 67 16.87 -3.20 -22.51
N LYS B 68 17.73 -3.72 -23.39
CA LYS B 68 17.83 -3.22 -24.75
C LYS B 68 16.51 -3.36 -25.49
N ALA B 69 15.87 -4.50 -25.34
CA ALA B 69 14.59 -4.76 -26.00
C ALA B 69 13.53 -3.78 -25.50
N LEU B 70 13.59 -3.45 -24.22
CA LEU B 70 12.65 -2.49 -23.62
C LEU B 70 12.87 -1.09 -24.17
N ARG B 71 14.14 -0.72 -24.34
CA ARG B 71 14.50 0.62 -24.80
C ARG B 71 14.07 0.84 -26.25
N VAL B 72 14.23 -0.18 -27.08
CA VAL B 72 13.86 -0.07 -28.49
C VAL B 72 12.35 0.11 -28.63
N ARG B 73 11.60 -0.69 -27.88
CA ARG B 73 10.15 -0.59 -27.83
C ARG B 73 9.72 0.79 -27.32
N LYS B 74 10.50 1.31 -26.38
CA LYS B 74 10.22 2.59 -25.75
C LYS B 74 10.88 3.75 -26.52
N LYS B 75 11.60 3.40 -27.59
CA LYS B 75 12.35 4.37 -28.39
C LYS B 75 13.37 5.14 -27.54
N MET B 76 13.88 4.49 -26.51
CA MET B 76 14.83 5.12 -25.58
C MET B 76 16.28 4.96 -26.00
N SER B 77 17.14 5.70 -25.31
CA SER B 77 18.58 5.55 -25.41
C SER B 77 19.15 5.49 -24.00
N GLY B 78 20.43 5.14 -23.88
CA GLY B 78 21.06 4.99 -22.59
C GLY B 78 21.25 6.28 -21.82
N GLU B 79 20.93 7.40 -22.47
CA GLU B 79 21.22 8.72 -21.94
C GLU B 79 20.45 9.13 -20.68
N LEU B 80 19.31 8.49 -20.43
CA LEU B 80 18.39 8.96 -19.39
C LEU B 80 19.04 9.11 -18.01
N ALA B 81 19.74 8.07 -17.57
CA ALA B 81 20.37 8.08 -16.25
C ALA B 81 21.45 9.16 -16.16
N THR B 82 22.25 9.30 -17.22
CA THR B 82 23.34 10.26 -17.23
C THR B 82 22.83 11.69 -17.38
N THR B 83 21.78 11.87 -18.18
CA THR B 83 21.20 13.19 -18.42
C THR B 83 20.58 13.75 -17.13
N LEU B 84 19.94 12.87 -16.35
CA LEU B 84 19.30 13.28 -15.11
C LEU B 84 20.34 13.64 -14.04
N GLU B 85 21.47 12.96 -14.05
CA GLU B 85 22.52 13.22 -13.08
C GLU B 85 23.20 14.56 -13.32
N ARG B 86 23.12 15.04 -14.56
CA ARG B 86 23.74 16.31 -14.93
C ARG B 86 22.95 17.49 -14.35
N ILE B 87 21.70 17.23 -13.97
CA ILE B 87 20.89 18.25 -13.32
C ILE B 87 21.18 18.25 -11.83
N GLU B 88 22.16 19.06 -11.44
CA GLU B 88 22.63 19.10 -10.06
C GLU B 88 21.71 19.91 -9.15
N LYS B 89 20.45 19.52 -9.07
CA LYS B 89 19.48 20.20 -8.21
C LYS B 89 18.63 19.19 -7.45
N ASN B 90 18.04 19.61 -6.34
CA ASN B 90 17.16 18.74 -5.56
C ASN B 90 15.82 18.57 -6.25
N PHE B 91 15.53 17.35 -6.71
CA PHE B 91 14.24 17.07 -7.30
C PHE B 91 13.86 15.59 -7.23
N VAL B 92 12.57 15.31 -7.31
CA VAL B 92 12.08 13.95 -7.38
C VAL B 92 11.04 13.81 -8.50
N ILE B 93 10.82 12.59 -8.95
CA ILE B 93 9.78 12.31 -9.94
C ILE B 93 8.81 11.28 -9.39
N THR B 94 7.52 11.58 -9.47
CA THR B 94 6.50 10.68 -8.95
C THR B 94 5.56 10.18 -10.06
N ASP B 95 4.87 9.09 -9.78
CA ASP B 95 3.94 8.51 -10.74
C ASP B 95 2.51 8.52 -10.21
N PRO B 96 1.71 9.51 -10.65
CA PRO B 96 0.32 9.66 -10.20
C PRO B 96 -0.56 8.51 -10.64
N ARG B 97 -0.09 7.75 -11.63
CA ARG B 97 -0.82 6.61 -12.15
C ARG B 97 -0.78 5.45 -11.14
N LEU B 98 0.23 5.45 -10.29
CA LEU B 98 0.35 4.45 -9.23
C LEU B 98 -0.18 5.01 -7.91
N PRO B 99 -0.78 4.15 -7.07
CA PRO B 99 -1.39 4.53 -5.79
C PRO B 99 -0.49 5.38 -4.89
N ASP B 100 -1.08 6.41 -4.30
CA ASP B 100 -0.39 7.32 -3.38
C ASP B 100 0.75 8.10 -4.05
N ASN B 101 0.79 8.06 -5.39
CA ASN B 101 1.73 8.85 -6.16
C ASN B 101 3.18 8.66 -5.71
N PRO B 102 3.72 7.45 -5.93
CA PRO B 102 5.04 7.05 -5.41
C PRO B 102 6.20 7.73 -6.12
N ILE B 103 7.31 7.88 -5.42
CA ILE B 103 8.54 8.39 -6.02
C ILE B 103 9.21 7.31 -6.87
N ILE B 104 9.55 7.66 -8.11
CA ILE B 104 10.21 6.72 -9.01
C ILE B 104 11.66 7.14 -9.26
N PHE B 105 12.01 8.34 -8.82
CA PHE B 105 13.37 8.85 -8.98
C PHE B 105 13.67 9.98 -8.01
N ALA B 106 14.91 10.03 -7.52
CA ALA B 106 15.35 11.11 -6.64
C ALA B 106 16.79 11.49 -6.96
N SER B 107 17.03 12.79 -7.15
CA SER B 107 18.37 13.27 -7.51
C SER B 107 19.38 13.07 -6.38
N ASP B 108 20.65 13.09 -6.73
CA ASP B 108 21.72 12.91 -5.75
C ASP B 108 21.70 14.03 -4.71
N SER B 109 21.42 15.25 -5.15
CA SER B 109 21.36 16.39 -4.26
C SER B 109 20.23 16.25 -3.25
N PHE B 110 19.10 15.70 -3.69
CA PHE B 110 17.94 15.50 -2.84
C PHE B 110 18.23 14.52 -1.71
N LEU B 111 18.77 13.35 -2.07
CA LEU B 111 19.08 12.29 -1.11
C LEU B 111 20.02 12.77 -0.01
N GLN B 112 21.06 13.50 -0.39
CA GLN B 112 22.04 13.98 0.58
C GLN B 112 21.45 15.09 1.44
N LEU B 113 20.54 15.86 0.85
CA LEU B 113 19.86 16.93 1.57
C LEU B 113 18.94 16.36 2.64
N THR B 114 18.18 15.33 2.28
CA THR B 114 17.19 14.76 3.18
C THR B 114 17.76 13.63 4.02
N GLU B 115 19.04 13.32 3.79
CA GLU B 115 19.78 12.31 4.55
C GLU B 115 19.21 10.90 4.40
N TYR B 116 18.35 10.69 3.39
CA TYR B 116 17.79 9.37 3.14
C TYR B 116 18.56 8.63 2.05
N SER B 117 18.29 7.34 1.90
CA SER B 117 18.88 6.54 0.84
C SER B 117 17.85 6.25 -0.23
N ARG B 118 18.32 5.78 -1.39
CA ARG B 118 17.44 5.48 -2.51
C ARG B 118 16.46 4.36 -2.17
N GLU B 119 16.90 3.42 -1.34
CA GLU B 119 16.06 2.29 -0.94
C GLU B 119 14.92 2.73 -0.04
N GLU B 120 15.16 3.78 0.75
CA GLU B 120 14.15 4.31 1.66
C GLU B 120 13.12 5.19 0.94
N ILE B 121 13.51 5.72 -0.21
CA ILE B 121 12.70 6.72 -0.90
C ILE B 121 11.74 6.13 -1.92
N LEU B 122 12.27 5.31 -2.83
CA LEU B 122 11.49 4.80 -3.97
C LEU B 122 10.24 4.03 -3.51
N GLY B 123 9.12 4.32 -4.17
CA GLY B 123 7.87 3.63 -3.91
C GLY B 123 7.02 4.29 -2.84
N ARG B 124 7.51 5.35 -2.24
CA ARG B 124 6.80 6.03 -1.16
C ARG B 124 6.40 7.45 -1.54
N ASN B 125 5.43 8.00 -0.81
CA ASN B 125 4.95 9.35 -1.03
C ASN B 125 5.89 10.38 -0.38
N CYS B 126 5.91 11.60 -0.92
CA CYS B 126 6.86 12.61 -0.48
C CYS B 126 6.53 13.26 0.86
N ARG B 127 5.47 12.79 1.52
CA ARG B 127 4.97 13.46 2.72
C ARG B 127 5.85 13.23 3.96
N PHE B 128 6.87 12.39 3.83
CA PHE B 128 7.75 12.11 4.97
C PHE B 128 8.60 13.33 5.33
N LEU B 129 8.69 14.28 4.41
CA LEU B 129 9.44 15.51 4.64
C LEU B 129 8.71 16.43 5.61
N GLN B 130 7.38 16.34 5.64
CA GLN B 130 6.56 17.21 6.48
C GLN B 130 6.73 16.90 7.96
N GLY B 131 6.58 17.93 8.79
CA GLY B 131 6.71 17.76 10.23
C GLY B 131 5.72 18.61 11.01
N PRO B 132 6.01 18.83 12.30
CA PRO B 132 5.13 19.57 13.21
C PRO B 132 4.97 21.05 12.82
N GLU B 133 6.08 21.71 12.51
CA GLU B 133 6.06 23.14 12.21
C GLU B 133 5.78 23.42 10.74
N THR B 134 5.25 22.43 10.02
CA THR B 134 4.91 22.61 8.62
C THR B 134 3.50 23.15 8.45
N ASP B 135 3.36 24.21 7.67
CA ASP B 135 2.05 24.80 7.40
C ASP B 135 1.19 23.83 6.60
N ARG B 136 0.17 23.28 7.25
CA ARG B 136 -0.70 22.28 6.63
C ARG B 136 -1.61 22.90 5.57
N ALA B 137 -1.79 24.21 5.64
CA ALA B 137 -2.58 24.92 4.64
C ALA B 137 -1.81 24.98 3.32
N THR B 138 -0.49 25.11 3.42
CA THR B 138 0.39 25.10 2.26
C THR B 138 0.38 23.72 1.61
N VAL B 139 0.32 22.68 2.44
CA VAL B 139 0.30 21.31 1.97
C VAL B 139 -0.95 21.02 1.15
N ARG B 140 -2.09 21.54 1.61
CA ARG B 140 -3.37 21.33 0.93
C ARG B 140 -3.35 21.97 -0.45
N LYS B 141 -2.65 23.09 -0.58
CA LYS B 141 -2.51 23.76 -1.87
C LYS B 141 -1.78 22.87 -2.86
N ILE B 142 -0.81 22.11 -2.35
CA ILE B 142 -0.08 21.17 -3.19
C ILE B 142 -0.98 20.03 -3.64
N ARG B 143 -1.80 19.53 -2.72
CA ARG B 143 -2.72 18.44 -3.03
C ARG B 143 -3.74 18.87 -4.09
N ASP B 144 -4.25 20.08 -3.96
CA ASP B 144 -5.24 20.61 -4.89
C ASP B 144 -4.64 20.73 -6.29
N ALA B 145 -3.40 21.20 -6.36
CA ALA B 145 -2.70 21.32 -7.63
C ALA B 145 -2.49 19.96 -8.29
N ILE B 146 -2.27 18.94 -7.46
CA ILE B 146 -2.15 17.58 -7.93
C ILE B 146 -3.49 17.08 -8.48
N ASP B 147 -4.53 17.21 -7.66
CA ASP B 147 -5.87 16.74 -8.02
C ASP B 147 -6.43 17.44 -9.25
N ASN B 148 -6.03 18.70 -9.44
CA ASN B 148 -6.46 19.45 -10.62
C ASN B 148 -5.48 19.29 -11.77
N GLN B 149 -4.42 18.52 -11.53
CA GLN B 149 -3.39 18.23 -12.53
C GLN B 149 -2.78 19.52 -13.10
N THR B 150 -2.36 20.41 -12.20
CA THR B 150 -1.73 21.65 -12.61
C THR B 150 -0.45 21.90 -11.82
N GLU B 151 0.36 22.85 -12.30
CA GLU B 151 1.59 23.21 -11.61
C GLU B 151 1.28 24.11 -10.42
N VAL B 152 2.27 24.27 -9.54
CA VAL B 152 2.12 25.16 -8.38
C VAL B 152 3.48 25.47 -7.79
N THR B 153 3.58 26.61 -7.10
CA THR B 153 4.82 27.02 -6.45
C THR B 153 4.55 27.61 -5.08
N VAL B 154 5.02 26.92 -4.04
CA VAL B 154 4.78 27.37 -2.67
C VAL B 154 6.05 27.30 -1.83
N GLN B 155 5.93 27.68 -0.56
CA GLN B 155 7.03 27.57 0.39
C GLN B 155 6.53 26.94 1.69
N LEU B 156 7.28 26.00 2.22
CA LEU B 156 6.89 25.30 3.44
C LEU B 156 8.10 24.75 4.18
N ILE B 157 7.86 24.32 5.42
CA ILE B 157 8.93 23.75 6.25
C ILE B 157 8.98 22.24 6.11
N ASN B 158 10.12 21.72 5.66
CA ASN B 158 10.32 20.28 5.58
C ASN B 158 11.41 19.80 6.53
N TYR B 159 11.40 18.50 6.79
CA TYR B 159 12.34 17.90 7.75
C TYR B 159 13.19 16.82 7.10
N THR B 160 14.44 16.73 7.53
CA THR B 160 15.35 15.69 7.07
C THR B 160 15.10 14.39 7.82
N LYS B 161 16.05 13.45 7.71
CA LYS B 161 15.93 12.18 8.40
C LYS B 161 16.18 12.34 9.89
N SER B 162 17.10 13.23 10.24
CA SER B 162 17.41 13.48 11.65
C SER B 162 16.44 14.48 12.26
N GLY B 163 15.64 15.12 11.40
CA GLY B 163 14.64 16.07 11.86
C GLY B 163 15.08 17.52 11.75
N LYS B 164 16.11 17.77 10.94
CA LYS B 164 16.60 19.13 10.74
C LYS B 164 15.59 19.96 9.94
N LYS B 165 15.36 21.18 10.39
CA LYS B 165 14.39 22.07 9.75
C LYS B 165 15.05 22.87 8.63
N PHE B 166 14.34 23.02 7.52
CA PHE B 166 14.81 23.84 6.41
C PHE B 166 13.65 24.31 5.55
N TRP B 167 13.74 25.54 5.06
CA TRP B 167 12.70 26.09 4.20
C TRP B 167 12.74 25.47 2.80
N ASN B 168 11.57 25.22 2.25
CA ASN B 168 11.45 24.55 0.96
C ASN B 168 10.70 25.39 -0.07
N LEU B 169 11.45 26.09 -0.92
CA LEU B 169 10.85 26.74 -2.08
C LEU B 169 10.52 25.66 -3.10
N PHE B 170 9.31 25.10 -2.99
CA PHE B 170 8.92 23.94 -3.77
C PHE B 170 8.15 24.31 -5.03
N HIS B 171 8.42 23.58 -6.11
CA HIS B 171 7.67 23.74 -7.35
C HIS B 171 7.16 22.41 -7.87
N LEU B 172 5.89 22.37 -8.23
CA LEU B 172 5.26 21.17 -8.78
C LEU B 172 4.95 21.40 -10.25
N GLN B 173 5.12 20.36 -11.07
CA GLN B 173 4.82 20.46 -12.49
C GLN B 173 4.50 19.11 -13.11
N PRO B 174 3.30 18.99 -13.70
CA PRO B 174 2.87 17.75 -14.36
C PRO B 174 3.70 17.45 -15.60
N MET B 175 3.70 16.18 -16.01
CA MET B 175 4.39 15.78 -17.23
C MET B 175 3.40 15.14 -18.20
N ARG B 176 3.12 15.83 -19.29
CA ARG B 176 2.08 15.40 -20.23
C ARG B 176 2.66 14.93 -21.56
N ASP B 177 2.01 13.94 -22.17
CA ASP B 177 2.38 13.49 -23.50
C ASP B 177 1.66 14.32 -24.57
N GLN B 178 1.58 13.79 -25.78
CA GLN B 178 0.94 14.50 -26.89
C GLN B 178 -0.56 14.66 -26.64
N LYS B 179 -1.16 13.65 -26.00
CA LYS B 179 -2.59 13.68 -25.73
C LYS B 179 -2.91 14.50 -24.48
N GLY B 180 -1.88 15.01 -23.83
CA GLY B 180 -2.06 15.88 -22.67
C GLY B 180 -2.29 15.11 -21.39
N ASP B 181 -2.20 13.79 -21.45
CA ASP B 181 -2.39 12.94 -20.29
C ASP B 181 -1.20 13.03 -19.34
N VAL B 182 -1.47 13.29 -18.06
CA VAL B 182 -0.41 13.38 -17.07
C VAL B 182 0.19 12.02 -16.77
N GLN B 183 1.49 11.88 -17.00
CA GLN B 183 2.18 10.62 -16.78
C GLN B 183 3.02 10.68 -15.51
N TYR B 184 3.76 11.77 -15.33
CA TYR B 184 4.59 11.96 -14.15
C TYR B 184 4.40 13.35 -13.55
N PHE B 185 4.89 13.52 -12.34
CA PHE B 185 4.96 14.84 -11.72
C PHE B 185 6.40 15.18 -11.37
N ILE B 186 6.77 16.43 -11.58
CA ILE B 186 8.11 16.90 -11.23
C ILE B 186 8.05 17.81 -10.00
N GLY B 187 8.87 17.51 -9.00
CA GLY B 187 8.91 18.31 -7.79
C GLY B 187 10.30 18.80 -7.48
N VAL B 188 10.52 20.10 -7.63
CA VAL B 188 11.83 20.69 -7.37
C VAL B 188 11.87 21.39 -6.02
N GLN B 189 12.91 21.12 -5.24
CA GLN B 189 13.04 21.71 -3.90
C GLN B 189 14.27 22.60 -3.80
N LEU B 190 14.04 23.86 -3.43
CA LEU B 190 15.13 24.80 -3.18
C LEU B 190 15.25 25.04 -1.68
N ASP B 191 16.22 24.38 -1.04
CA ASP B 191 16.39 24.46 0.40
C ASP B 191 16.95 25.83 0.82
N GLY B 192 16.41 26.36 1.91
CA GLY B 192 16.85 27.64 2.44
C GLY B 192 16.68 27.70 3.95
N THR B 193 17.24 28.74 4.56
CA THR B 193 17.16 28.89 6.01
C THR B 193 16.02 29.81 6.43
N GLU B 194 15.67 30.73 5.55
CA GLU B 194 14.60 31.69 5.83
C GLU B 194 13.58 31.73 4.70
N HIS B 195 12.39 32.24 5.00
CA HIS B 195 11.37 32.45 3.99
C HIS B 195 11.81 33.57 3.05
N VAL B 196 11.86 33.29 1.76
CA VAL B 196 12.34 34.27 0.80
C VAL B 196 11.21 35.16 0.28
N ARG B 197 11.51 36.46 0.18
CA ARG B 197 10.53 37.42 -0.31
C ARG B 197 11.13 38.31 -1.41
N ASP B 198 10.25 38.96 -2.17
CA ASP B 198 10.65 39.93 -3.18
C ASP B 198 11.65 39.37 -4.19
N ALA B 199 12.84 39.95 -4.22
CA ALA B 199 13.87 39.56 -5.18
C ALA B 199 14.39 38.16 -4.89
N ALA B 200 14.50 37.82 -3.60
CA ALA B 200 14.97 36.50 -3.19
C ALA B 200 14.04 35.41 -3.68
N GLU B 201 12.74 35.65 -3.57
CA GLU B 201 11.73 34.70 -4.03
C GLU B 201 11.67 34.63 -5.55
N ARG B 202 11.69 35.80 -6.19
CA ARG B 202 11.53 35.90 -7.64
C ARG B 202 12.66 35.20 -8.38
N GLU B 203 13.85 35.17 -7.78
CA GLU B 203 15.00 34.50 -8.38
C GLU B 203 14.89 32.98 -8.26
N GLY B 204 14.55 32.51 -7.06
CA GLY B 204 14.45 31.09 -6.80
C GLY B 204 13.37 30.41 -7.62
N VAL B 205 12.25 31.09 -7.81
CA VAL B 205 11.14 30.57 -8.59
C VAL B 205 11.56 30.34 -10.05
N MET B 206 12.29 31.28 -10.60
CA MET B 206 12.74 31.20 -11.99
C MET B 206 13.68 30.01 -12.20
N LEU B 207 14.53 29.77 -11.21
CA LEU B 207 15.50 28.68 -11.29
C LEU B 207 14.83 27.31 -11.21
N ILE B 208 13.97 27.14 -10.21
CA ILE B 208 13.32 25.85 -9.98
C ILE B 208 12.33 25.52 -11.08
N LYS B 209 11.86 26.53 -11.80
CA LYS B 209 10.96 26.31 -12.93
C LYS B 209 11.74 25.86 -14.14
N LYS B 210 12.91 26.47 -14.36
CA LYS B 210 13.77 26.10 -15.47
C LYS B 210 14.34 24.69 -15.24
N THR B 211 14.58 24.37 -13.97
CA THR B 211 15.05 23.04 -13.60
C THR B 211 14.02 21.98 -13.97
N ALA B 212 12.75 22.29 -13.72
CA ALA B 212 11.66 21.37 -14.02
C ALA B 212 11.55 21.12 -15.53
N GLU B 213 11.81 22.15 -16.32
CA GLU B 213 11.73 22.04 -17.77
C GLU B 213 12.85 21.17 -18.32
N ASN B 214 14.03 21.26 -17.71
CA ASN B 214 15.16 20.45 -18.11
C ASN B 214 14.90 18.97 -17.80
N ILE B 215 14.20 18.72 -16.70
CA ILE B 215 13.84 17.37 -16.32
C ILE B 215 12.81 16.81 -17.29
N ASP B 216 11.87 17.64 -17.71
CA ASP B 216 10.86 17.24 -18.68
C ASP B 216 11.50 16.89 -20.02
N GLU B 217 12.57 17.60 -20.37
CA GLU B 217 13.32 17.32 -21.60
C GLU B 217 14.11 16.02 -21.46
N ALA B 218 14.72 15.81 -20.30
CA ALA B 218 15.50 14.61 -20.04
C ALA B 218 14.62 13.36 -20.05
N ALA B 219 13.46 13.46 -19.41
CA ALA B 219 12.52 12.35 -19.33
C ALA B 219 11.51 12.38 -20.48
N LYS B 220 11.93 12.88 -21.64
CA LYS B 220 11.02 13.03 -22.77
C LYS B 220 10.58 11.69 -23.36
N GLU B 221 11.51 10.74 -23.42
CA GLU B 221 11.23 9.42 -23.97
C GLU B 221 10.46 8.55 -22.99
N LEU B 222 10.54 8.91 -21.71
CA LEU B 222 9.93 8.10 -20.65
C LEU B 222 8.44 8.37 -20.48
N LYS B 223 8.02 9.61 -20.70
CA LYS B 223 6.63 9.97 -20.47
C LYS B 223 5.67 9.34 -21.48
N MET B 224 6.21 8.95 -22.64
CA MET B 224 5.38 8.37 -23.69
C MET B 224 4.69 7.09 -23.22
N PRO B 225 3.46 6.84 -23.72
CA PRO B 225 2.72 5.64 -23.35
C PRO B 225 3.21 4.39 -24.07
N VAL B 226 2.93 3.22 -23.50
CA VAL B 226 3.37 1.95 -24.07
C VAL B 226 2.18 1.06 -24.38
N LYS B 227 2.14 0.50 -25.59
CA LYS B 227 1.04 -0.38 -25.98
C LYS B 227 1.26 -1.82 -25.51
N MET B 228 2.41 -2.39 -25.87
CA MET B 228 2.71 -3.78 -25.47
C MET B 228 4.07 -3.90 -24.81
N ILE B 229 4.18 -4.84 -23.87
CA ILE B 229 5.43 -5.08 -23.17
C ILE B 229 5.59 -6.56 -22.80
N GLY B 230 4.50 -7.32 -22.93
CA GLY B 230 4.50 -8.71 -22.55
C GLY B 230 5.23 -9.62 -23.51
N ASP B 231 5.22 -9.26 -24.79
CA ASP B 231 5.86 -10.07 -25.82
C ASP B 231 7.38 -10.10 -25.61
N ILE B 232 7.91 -9.04 -25.02
CA ILE B 232 9.33 -8.97 -24.70
C ILE B 232 9.64 -9.86 -23.50
N LEU B 233 8.84 -9.73 -22.45
CA LEU B 233 9.03 -10.52 -21.24
C LEU B 233 8.85 -12.01 -21.50
N SER B 234 7.98 -12.33 -22.45
CA SER B 234 7.71 -13.73 -22.79
C SER B 234 8.89 -14.35 -23.55
N ALA B 235 9.72 -13.51 -24.14
CA ALA B 235 10.83 -13.98 -24.95
C ALA B 235 12.17 -13.93 -24.22
N GLN B 236 12.25 -13.11 -23.17
CA GLN B 236 13.50 -12.91 -22.46
C GLN B 236 13.60 -13.74 -21.17
N LEU B 237 12.49 -13.89 -20.48
CA LEU B 237 12.46 -14.60 -19.20
C LEU B 237 12.88 -16.08 -19.29
N PRO B 238 12.52 -16.79 -20.39
CA PRO B 238 13.05 -18.15 -20.48
C PRO B 238 14.57 -18.22 -20.67
N HIS B 239 15.23 -17.07 -20.75
CA HIS B 239 16.68 -17.02 -20.90
C HIS B 239 17.36 -16.44 -19.66
N MET B 240 16.69 -16.55 -18.51
CA MET B 240 17.25 -16.07 -17.25
C MET B 240 17.87 -17.21 -16.47
N GLN B 241 18.33 -18.23 -17.17
CA GLN B 241 18.91 -19.43 -16.57
C GLN B 241 20.08 -19.20 -15.61
N PRO B 242 21.04 -18.30 -15.94
CA PRO B 242 22.20 -18.12 -15.05
C PRO B 242 21.87 -17.74 -13.60
N TYR B 243 20.65 -17.26 -13.35
CA TYR B 243 20.27 -16.86 -12.01
C TYR B 243 20.24 -18.03 -11.03
N ILE B 244 19.91 -19.21 -11.54
CA ILE B 244 19.79 -20.39 -10.71
C ILE B 244 21.13 -20.79 -10.10
N ARG B 245 22.19 -20.69 -10.90
CA ARG B 245 23.53 -21.02 -10.42
C ARG B 245 24.03 -20.00 -9.40
N PHE B 246 23.85 -18.72 -9.72
CA PHE B 246 24.35 -17.65 -8.86
C PHE B 246 23.69 -17.65 -7.49
N CYS B 247 22.37 -17.80 -7.47
CA CYS B 247 21.62 -17.74 -6.22
C CYS B 247 21.86 -18.99 -5.38
N SER B 248 22.33 -20.06 -6.01
CA SER B 248 22.67 -21.28 -5.29
C SER B 248 24.07 -21.20 -4.71
N ARG B 249 24.85 -20.24 -5.19
CA ARG B 249 26.24 -20.09 -4.76
C ARG B 249 26.51 -18.73 -4.11
N GLN B 250 25.45 -17.96 -3.91
CA GLN B 250 25.59 -16.63 -3.31
C GLN B 250 25.87 -16.74 -1.82
N LEU B 251 25.44 -17.83 -1.21
CA LEU B 251 25.64 -18.05 0.21
C LEU B 251 27.11 -18.34 0.52
N ASN B 252 27.71 -19.23 -0.26
CA ASN B 252 29.13 -19.54 -0.11
C ASN B 252 30.01 -18.35 -0.49
N GLY B 253 29.52 -17.54 -1.42
CA GLY B 253 30.24 -16.36 -1.85
C GLY B 253 30.23 -15.27 -0.79
N ALA B 254 29.15 -15.20 -0.03
CA ALA B 254 29.02 -14.22 1.05
C ALA B 254 29.81 -14.65 2.27
N ALA B 255 29.83 -15.96 2.53
CA ALA B 255 30.56 -16.51 3.67
C ALA B 255 32.05 -16.40 3.45
N LEU B 256 32.47 -16.39 2.20
CA LEU B 256 33.89 -16.28 1.85
C LEU B 256 34.40 -14.87 2.15
N ILE B 257 33.60 -13.87 1.81
CA ILE B 257 33.98 -12.48 2.03
C ILE B 257 34.11 -12.18 3.52
N GLN B 258 33.15 -12.64 4.30
CA GLN B 258 33.15 -12.41 5.74
C GLN B 258 34.34 -13.11 6.41
N GLN B 259 34.68 -14.29 5.89
CA GLN B 259 35.80 -15.05 6.43
C GLN B 259 37.14 -14.46 6.01
N LYS B 260 37.23 -14.04 4.76
CA LYS B 260 38.46 -13.49 4.22
C LYS B 260 38.76 -12.12 4.81
N THR B 261 37.71 -11.44 5.30
CA THR B 261 37.85 -10.14 5.92
C THR B 261 38.47 -10.26 7.32
N ASP B 262 38.05 -11.29 8.05
CA ASP B 262 38.51 -11.49 9.43
C ASP B 262 39.92 -12.06 9.50
N GLU B 263 40.39 -12.66 8.42
CA GLU B 263 41.70 -13.29 8.41
C GLU B 263 42.71 -12.52 7.58
N ALA B 264 42.26 -11.42 6.98
CA ALA B 264 43.14 -10.59 6.16
C ALA B 264 42.75 -9.11 6.25
N PRO B 265 43.54 -8.33 7.01
CA PRO B 265 43.29 -6.89 7.18
C PRO B 265 43.60 -6.10 5.91
N ASP B 266 44.52 -6.61 5.10
CA ASP B 266 44.89 -5.95 3.85
C ASP B 266 43.78 -6.07 2.82
N PHE B 267 42.95 -7.09 2.97
CA PHE B 267 41.82 -7.32 2.07
C PHE B 267 40.62 -6.45 2.43
N LYS B 268 40.39 -6.29 3.73
CA LYS B 268 39.24 -5.53 4.21
C LYS B 268 39.27 -4.08 3.76
N GLU B 269 40.45 -3.46 3.81
CA GLU B 269 40.60 -2.06 3.46
C GLU B 269 40.47 -1.82 1.97
N PHE B 270 40.97 -2.76 1.17
CA PHE B 270 40.94 -2.61 -0.28
C PHE B 270 39.51 -2.70 -0.81
N VAL B 271 38.65 -3.43 -0.09
CA VAL B 271 37.26 -3.57 -0.47
C VAL B 271 36.49 -2.28 -0.19
N LYS B 272 36.72 -1.70 0.99
CA LYS B 272 36.05 -0.47 1.40
C LYS B 272 36.50 0.71 0.54
N ARG B 273 37.70 0.62 -0.01
CA ARG B 273 38.22 1.65 -0.90
C ARG B 273 37.62 1.50 -2.30
N LEU B 274 36.89 0.41 -2.52
CA LEU B 274 36.17 0.21 -3.77
C LEU B 274 34.69 0.53 -3.58
N ALA B 275 34.25 0.54 -2.33
CA ALA B 275 32.87 0.89 -2.00
C ALA B 275 32.75 2.39 -1.78
N MET B 276 33.88 3.08 -1.89
CA MET B 276 33.93 4.53 -1.74
C MET B 276 33.15 5.25 -2.84
N ASP B 277 33.21 4.70 -4.04
CA ASP B 277 32.63 5.30 -5.24
C ASP B 277 31.20 5.82 -5.00
N PRO B 278 30.94 7.07 -5.43
CA PRO B 278 29.65 7.74 -5.22
C PRO B 278 28.48 7.00 -5.84
N ARG B 279 28.75 6.14 -6.82
CA ARG B 279 27.70 5.37 -7.46
C ARG B 279 27.29 4.18 -6.59
N CYS B 280 28.09 3.89 -5.56
CA CYS B 280 27.76 2.85 -4.61
C CYS B 280 26.82 3.37 -3.53
N LYS B 281 26.79 4.69 -3.37
CA LYS B 281 25.98 5.35 -2.34
C LYS B 281 26.31 4.87 -0.94
N GLY B 282 27.55 4.43 -0.75
CA GLY B 282 28.04 4.04 0.57
C GLY B 282 27.63 2.65 1.04
N MET B 283 27.25 1.79 0.12
CA MET B 283 26.92 0.41 0.48
C MET B 283 28.07 -0.53 0.10
N PRO B 284 28.34 -1.53 0.95
CA PRO B 284 29.44 -2.46 0.75
C PRO B 284 29.22 -3.42 -0.43
N LEU B 285 30.25 -4.17 -0.79
CA LEU B 285 30.17 -5.13 -1.88
C LEU B 285 29.27 -6.31 -1.53
N SER B 286 29.22 -6.64 -0.24
CA SER B 286 28.43 -7.77 0.23
C SER B 286 26.92 -7.51 0.12
N SER B 287 26.57 -6.25 -0.12
CA SER B 287 25.16 -5.87 -0.25
C SER B 287 24.70 -5.92 -1.70
N PHE B 288 25.65 -5.84 -2.63
CA PHE B 288 25.34 -5.93 -4.05
C PHE B 288 25.03 -7.36 -4.47
N ILE B 289 25.57 -8.32 -3.71
CA ILE B 289 25.42 -9.74 -4.03
C ILE B 289 23.98 -10.20 -3.84
N LEU B 290 23.24 -9.49 -3.01
CA LEU B 290 21.87 -9.85 -2.69
C LEU B 290 20.89 -9.38 -3.78
N LYS B 291 21.34 -8.46 -4.62
CA LYS B 291 20.48 -7.87 -5.64
C LYS B 291 19.94 -8.85 -6.69
N PRO B 292 20.80 -9.75 -7.23
CA PRO B 292 20.23 -10.71 -8.19
C PRO B 292 19.14 -11.58 -7.58
N MET B 293 19.30 -11.93 -6.31
CA MET B 293 18.31 -12.73 -5.60
C MET B 293 17.05 -11.90 -5.32
N GLN B 294 17.23 -10.60 -5.17
CA GLN B 294 16.11 -9.69 -4.91
C GLN B 294 15.30 -9.43 -6.18
N ARG B 295 15.98 -9.38 -7.31
CA ARG B 295 15.36 -9.05 -8.58
C ARG B 295 14.43 -10.12 -9.15
N VAL B 296 14.80 -11.40 -9.00
CA VAL B 296 14.04 -12.49 -9.61
C VAL B 296 12.67 -12.73 -8.98
N THR B 297 12.51 -12.43 -7.69
CA THR B 297 11.21 -12.55 -7.04
C THR B 297 10.39 -11.29 -7.27
N ARG B 298 11.05 -10.26 -7.79
CA ARG B 298 10.39 -8.98 -8.03
C ARG B 298 9.58 -9.03 -9.32
N TYR B 299 10.09 -9.78 -10.30
CA TYR B 299 9.43 -9.89 -11.61
C TYR B 299 7.97 -10.37 -11.52
N PRO B 300 7.69 -11.47 -10.78
CA PRO B 300 6.29 -11.90 -10.74
C PRO B 300 5.37 -10.86 -10.11
N LEU B 301 5.89 -10.07 -9.18
CA LEU B 301 5.11 -9.02 -8.55
C LEU B 301 4.78 -7.91 -9.53
N ILE B 302 5.76 -7.54 -10.36
CA ILE B 302 5.59 -6.47 -11.33
C ILE B 302 4.67 -6.88 -12.48
N ILE B 303 4.97 -8.03 -13.08
CA ILE B 303 4.19 -8.53 -14.22
C ILE B 303 2.72 -8.72 -13.87
N LYS B 304 2.47 -9.22 -12.66
CA LYS B 304 1.10 -9.45 -12.19
C LYS B 304 0.34 -8.13 -12.10
N ASN B 305 1.01 -7.09 -11.61
CA ASN B 305 0.42 -5.76 -11.54
C ASN B 305 0.06 -5.23 -12.93
N ILE B 306 0.91 -5.55 -13.90
CA ILE B 306 0.64 -5.16 -15.29
C ILE B 306 -0.49 -6.01 -15.86
N LEU B 307 -0.47 -7.30 -15.55
CA LEU B 307 -1.46 -8.24 -16.05
C LEU B 307 -2.85 -7.94 -15.51
N GLU B 308 -2.93 -7.60 -14.23
CA GLU B 308 -4.22 -7.31 -13.59
C GLU B 308 -4.87 -6.04 -14.14
N ASN B 309 -4.05 -5.16 -14.70
CA ASN B 309 -4.55 -3.92 -15.28
C ASN B 309 -4.61 -3.98 -16.80
N THR B 310 -4.68 -5.19 -17.33
CA THR B 310 -4.77 -5.41 -18.77
C THR B 310 -6.00 -6.25 -19.10
N PRO B 311 -6.91 -5.69 -19.91
CA PRO B 311 -8.17 -6.36 -20.28
C PRO B 311 -7.96 -7.64 -21.10
N GLU B 312 -9.00 -8.45 -21.19
CA GLU B 312 -8.93 -9.72 -21.91
C GLU B 312 -8.72 -9.54 -23.41
N ASN B 313 -9.44 -8.59 -23.98
CA ASN B 313 -9.40 -8.35 -25.42
C ASN B 313 -8.10 -7.68 -25.88
N HIS B 314 -7.31 -7.22 -24.91
CA HIS B 314 -6.04 -6.57 -25.22
C HIS B 314 -5.02 -7.59 -25.74
N PRO B 315 -4.33 -7.24 -26.84
CA PRO B 315 -3.39 -8.16 -27.49
C PRO B 315 -2.15 -8.49 -26.65
N ASP B 316 -1.93 -7.75 -25.56
CA ASP B 316 -0.77 -7.97 -24.71
C ASP B 316 -1.12 -8.86 -23.52
N HIS B 317 -2.40 -9.15 -23.35
CA HIS B 317 -2.87 -9.94 -22.22
C HIS B 317 -2.38 -11.39 -22.30
N SER B 318 -2.31 -11.92 -23.51
CA SER B 318 -1.89 -13.30 -23.73
C SER B 318 -0.42 -13.49 -23.38
N HIS B 319 0.41 -12.53 -23.77
CA HIS B 319 1.85 -12.60 -23.53
C HIS B 319 2.18 -12.41 -22.05
N LEU B 320 1.39 -11.58 -21.37
CA LEU B 320 1.61 -11.32 -19.95
C LEU B 320 1.29 -12.55 -19.10
N LYS B 321 0.36 -13.37 -19.57
CA LYS B 321 0.07 -14.64 -18.93
C LYS B 321 1.30 -15.54 -18.99
N HIS B 322 1.84 -15.70 -20.19
CA HIS B 322 3.03 -16.50 -20.41
C HIS B 322 4.22 -15.94 -19.63
N ALA B 323 4.36 -14.62 -19.67
CA ALA B 323 5.45 -13.93 -18.99
C ALA B 323 5.39 -14.18 -17.48
N LEU B 324 4.19 -14.16 -16.93
CA LEU B 324 4.01 -14.39 -15.49
C LEU B 324 4.35 -15.82 -15.14
N GLU B 325 3.97 -16.76 -16.02
CA GLU B 325 4.28 -18.17 -15.82
C GLU B 325 5.78 -18.41 -15.79
N LYS B 326 6.47 -17.88 -16.80
CA LYS B 326 7.92 -18.03 -16.91
C LYS B 326 8.63 -17.38 -15.74
N ALA B 327 8.14 -16.23 -15.30
CA ALA B 327 8.73 -15.51 -14.18
C ALA B 327 8.62 -16.33 -12.90
N GLU B 328 7.48 -17.00 -12.72
CA GLU B 328 7.26 -17.83 -11.55
C GLU B 328 8.02 -19.15 -11.66
N GLU B 329 8.15 -19.65 -12.89
CA GLU B 329 8.93 -20.85 -13.14
C GLU B 329 10.42 -20.58 -12.92
N LEU B 330 10.87 -19.41 -13.38
CA LEU B 330 12.26 -19.00 -13.20
C LEU B 330 12.54 -18.79 -11.72
N CYS B 331 11.56 -18.25 -11.02
CA CYS B 331 11.71 -17.96 -9.60
C CYS B 331 11.72 -19.26 -8.78
N SER B 332 10.94 -20.24 -9.22
CA SER B 332 10.83 -21.51 -8.51
C SER B 332 12.14 -22.29 -8.58
N GLN B 333 12.74 -22.34 -9.76
CA GLN B 333 13.98 -23.07 -9.96
C GLN B 333 15.14 -22.41 -9.23
N VAL B 334 15.05 -21.10 -9.02
CA VAL B 334 16.06 -20.35 -8.28
C VAL B 334 16.03 -20.74 -6.80
N ASN B 335 14.84 -20.75 -6.22
CA ASN B 335 14.67 -21.10 -4.81
C ASN B 335 14.97 -22.57 -4.55
N GLU B 336 14.77 -23.40 -5.56
CA GLU B 336 15.06 -24.82 -5.45
C GLU B 336 16.57 -25.04 -5.29
N GLY B 337 17.35 -24.28 -6.05
CA GLY B 337 18.80 -24.37 -5.98
C GLY B 337 19.33 -23.87 -4.64
N VAL B 338 18.65 -22.88 -4.08
CA VAL B 338 19.03 -22.30 -2.79
C VAL B 338 18.81 -23.30 -1.64
N ARG B 339 17.66 -23.97 -1.66
CA ARG B 339 17.32 -24.94 -0.62
C ARG B 339 18.25 -26.15 -0.68
N GLU B 340 18.37 -26.75 -1.86
CA GLU B 340 19.24 -27.90 -2.06
C GLU B 340 20.72 -27.48 -2.02
N LYS B 341 21.20 -27.16 -0.83
CA LYS B 341 22.55 -26.66 -0.65
C LYS B 341 23.61 -27.73 -0.92
N GLU B 342 23.38 -28.93 -0.39
CA GLU B 342 24.33 -30.03 -0.53
C GLU B 342 24.50 -30.42 -2.00
N ASN B 343 23.41 -30.38 -2.75
CA ASN B 343 23.45 -30.71 -4.17
C ASN B 343 24.23 -29.67 -4.97
N SER B 344 24.23 -28.44 -4.49
CA SER B 344 24.92 -27.35 -5.17
C SER B 344 26.43 -27.46 -5.01
N ASP B 345 26.87 -27.88 -3.83
CA ASP B 345 28.30 -28.05 -3.55
C ASP B 345 28.90 -29.18 -4.37
N ARG B 346 28.12 -30.23 -4.60
CA ARG B 346 28.59 -31.38 -5.35
C ARG B 346 28.81 -31.04 -6.82
N LEU B 347 27.87 -30.32 -7.41
CA LEU B 347 27.94 -29.95 -8.82
C LEU B 347 29.09 -28.98 -9.09
N GLU B 348 29.33 -28.06 -8.17
CA GLU B 348 30.43 -27.12 -8.30
C GLU B 348 31.77 -27.81 -8.10
N TRP B 349 31.78 -28.83 -7.24
CA TRP B 349 32.97 -29.63 -7.03
C TRP B 349 33.36 -30.38 -8.29
N ILE B 350 32.36 -30.94 -8.96
CA ILE B 350 32.56 -31.65 -10.21
C ILE B 350 33.06 -30.70 -11.30
N GLN B 351 32.55 -29.48 -11.28
CA GLN B 351 32.93 -28.46 -12.26
C GLN B 351 34.44 -28.19 -12.26
N ALA B 352 35.04 -28.15 -11.08
CA ALA B 352 36.44 -27.76 -10.94
C ALA B 352 37.42 -28.94 -11.07
N HIS B 353 36.97 -30.14 -10.74
CA HIS B 353 37.86 -31.30 -10.69
C HIS B 353 37.72 -32.20 -11.91
N VAL B 354 36.68 -31.98 -12.71
CA VAL B 354 36.48 -32.77 -13.91
C VAL B 354 36.70 -31.93 -15.17
N GLN B 355 37.79 -32.21 -15.86
CA GLN B 355 38.15 -31.47 -17.07
C GLN B 355 37.35 -31.95 -18.27
N CYS B 356 36.40 -31.12 -18.71
CA CYS B 356 35.59 -31.45 -19.88
C CYS B 356 35.90 -30.51 -21.04
N GLU B 357 36.63 -31.02 -22.02
CA GLU B 357 37.00 -30.22 -23.19
C GLU B 357 36.67 -30.95 -24.48
N GLY B 358 36.66 -30.22 -25.59
CA GLY B 358 36.41 -30.79 -26.89
C GLY B 358 34.93 -30.87 -27.23
N LEU B 359 34.11 -30.18 -26.44
CA LEU B 359 32.67 -30.14 -26.68
C LEU B 359 32.28 -28.89 -27.46
N SER B 360 31.11 -28.93 -28.08
CA SER B 360 30.60 -27.78 -28.82
C SER B 360 30.31 -26.62 -27.88
N GLU B 361 29.94 -26.95 -26.65
CA GLU B 361 29.67 -25.94 -25.63
C GLU B 361 30.30 -26.37 -24.30
N GLN B 362 30.82 -25.41 -23.56
CA GLN B 362 31.39 -25.69 -22.24
C GLN B 362 30.33 -26.27 -21.32
N LEU B 363 30.71 -27.29 -20.55
CA LEU B 363 29.77 -27.98 -19.70
C LEU B 363 29.71 -27.34 -18.31
N VAL B 364 28.53 -26.84 -17.96
CA VAL B 364 28.29 -26.26 -16.64
C VAL B 364 27.39 -27.18 -15.84
N PHE B 365 27.96 -27.85 -14.85
CA PHE B 365 27.24 -28.85 -14.08
C PHE B 365 26.16 -28.23 -13.20
N ASN B 366 26.53 -27.18 -12.46
CA ASN B 366 25.57 -26.52 -11.59
C ASN B 366 24.68 -25.55 -12.36
N SER B 367 23.89 -26.11 -13.28
CA SER B 367 23.04 -25.29 -14.14
C SER B 367 21.72 -26.00 -14.43
N VAL B 368 21.03 -25.53 -15.46
CA VAL B 368 19.73 -26.07 -15.84
C VAL B 368 19.86 -27.21 -16.86
N THR B 369 19.05 -28.25 -16.69
CA THR B 369 19.01 -29.33 -17.67
C THR B 369 18.17 -28.92 -18.87
N ASN B 370 18.10 -29.78 -19.87
CA ASN B 370 17.33 -29.50 -21.07
C ASN B 370 15.83 -29.53 -20.82
N CYS B 371 15.39 -30.45 -19.96
CA CYS B 371 13.97 -30.64 -19.73
C CYS B 371 13.59 -30.68 -18.24
N LEU B 372 14.46 -31.26 -17.43
CA LEU B 372 14.13 -31.53 -16.03
C LEU B 372 14.38 -30.34 -15.10
N GLY B 373 14.96 -29.27 -15.65
CA GLY B 373 15.24 -28.08 -14.86
C GLY B 373 16.60 -28.13 -14.19
N PRO B 374 16.65 -27.71 -12.90
CA PRO B 374 17.88 -27.72 -12.11
C PRO B 374 18.52 -29.11 -12.04
N ARG B 375 19.77 -29.21 -12.47
CA ARG B 375 20.49 -30.49 -12.49
C ARG B 375 20.74 -31.02 -11.08
N LYS B 376 20.59 -32.32 -10.91
CA LYS B 376 20.80 -32.93 -9.61
C LYS B 376 21.74 -34.13 -9.67
N PHE B 377 22.76 -34.13 -8.82
CA PHE B 377 23.68 -35.25 -8.71
C PHE B 377 22.99 -36.44 -8.08
N LEU B 378 23.21 -37.62 -8.63
CA LEU B 378 22.51 -38.82 -8.16
C LEU B 378 23.45 -39.84 -7.54
N HIS B 379 24.49 -40.22 -8.27
CA HIS B 379 25.38 -41.28 -7.81
C HIS B 379 26.75 -41.20 -8.49
N SER B 380 27.77 -41.71 -7.81
CA SER B 380 29.11 -41.80 -8.39
C SER B 380 29.86 -42.99 -7.84
N GLY B 381 30.93 -43.39 -8.53
CA GLY B 381 31.71 -44.53 -8.12
C GLY B 381 32.55 -45.10 -9.26
N LYS B 382 33.44 -46.02 -8.92
CA LYS B 382 34.30 -46.65 -9.91
C LYS B 382 33.51 -47.62 -10.79
N LEU B 383 33.76 -47.54 -12.10
CA LEU B 383 33.08 -48.41 -13.06
C LEU B 383 34.08 -49.03 -14.03
N TYR B 384 34.09 -50.36 -14.09
CA TYR B 384 35.01 -51.07 -14.97
C TYR B 384 34.33 -51.57 -16.24
N LYS B 385 34.79 -51.08 -17.38
CA LYS B 385 34.30 -51.55 -18.68
C LYS B 385 34.75 -52.98 -18.93
N ALA B 386 33.82 -53.83 -19.32
CA ALA B 386 34.13 -55.22 -19.63
C ALA B 386 35.01 -55.31 -20.87
N LYS B 387 35.85 -56.34 -20.91
CA LYS B 387 36.72 -56.65 -22.05
C LYS B 387 37.90 -55.66 -22.12
N SER B 388 37.94 -54.73 -21.17
CA SER B 388 39.04 -53.76 -21.11
C SER B 388 39.55 -53.59 -19.69
N ASN B 389 38.64 -53.66 -18.73
CA ASN B 389 38.96 -53.54 -17.31
C ASN B 389 39.69 -52.23 -16.98
N LYS B 390 39.33 -51.17 -17.69
CA LYS B 390 39.98 -49.87 -17.52
C LYS B 390 39.43 -49.12 -16.31
N GLU B 391 40.32 -48.51 -15.54
CA GLU B 391 39.91 -47.78 -14.35
C GLU B 391 39.17 -46.50 -14.71
N LEU B 392 37.85 -46.52 -14.53
CA LEU B 392 37.02 -45.35 -14.84
C LEU B 392 36.19 -44.93 -13.64
N TYR B 393 35.82 -43.66 -13.60
CA TYR B 393 34.97 -43.14 -12.54
C TYR B 393 33.76 -42.42 -13.13
N GLY B 394 32.57 -42.91 -12.80
CA GLY B 394 31.35 -42.38 -13.39
C GLY B 394 30.57 -41.44 -12.50
N PHE B 395 30.03 -40.38 -13.10
CA PHE B 395 29.16 -39.46 -12.40
C PHE B 395 27.75 -39.54 -12.98
N LEU B 396 26.78 -39.85 -12.13
CA LEU B 396 25.39 -39.95 -12.58
C LEU B 396 24.58 -38.71 -12.19
N PHE B 397 23.94 -38.10 -13.19
CA PHE B 397 23.09 -36.95 -12.95
C PHE B 397 21.66 -37.28 -13.33
N ASN B 398 20.75 -36.32 -13.14
CA ASN B 398 19.34 -36.54 -13.42
C ASN B 398 19.05 -36.57 -14.93
N ASP B 399 19.97 -36.00 -15.72
CA ASP B 399 19.75 -35.91 -17.15
C ASP B 399 20.77 -36.72 -17.97
N PHE B 400 22.00 -36.89 -17.45
CA PHE B 400 22.99 -37.67 -18.16
C PHE B 400 23.99 -38.40 -17.25
N LEU B 401 24.77 -39.28 -17.85
CA LEU B 401 25.82 -40.01 -17.15
C LEU B 401 27.18 -39.61 -17.70
N LEU B 402 28.10 -39.23 -16.81
CA LEU B 402 29.44 -38.81 -17.21
C LEU B 402 30.50 -39.84 -16.86
N LEU B 403 31.22 -40.31 -17.86
CA LEU B 403 32.33 -41.23 -17.64
C LEU B 403 33.65 -40.45 -17.64
N THR B 404 34.45 -40.67 -16.61
CA THR B 404 35.74 -40.00 -16.49
C THR B 404 36.87 -40.97 -16.17
N GLN B 405 38.08 -40.44 -16.09
CA GLN B 405 39.26 -41.24 -15.73
C GLN B 405 40.09 -40.52 -14.68
N ILE B 406 40.30 -41.17 -13.55
CA ILE B 406 41.08 -40.60 -12.46
C ILE B 406 42.54 -40.46 -12.86
N THR B 407 43.07 -39.24 -12.80
CA THR B 407 44.46 -38.99 -13.17
C THR B 407 45.39 -39.25 -11.98
N VAL B 418 35.97 -38.07 -1.99
CA VAL B 418 35.23 -37.90 -3.24
C VAL B 418 34.62 -36.50 -3.31
N PHE B 419 34.06 -36.04 -2.20
CA PHE B 419 33.52 -34.69 -2.12
C PHE B 419 34.19 -33.89 -1.00
N SER B 420 35.34 -34.38 -0.55
CA SER B 420 36.08 -33.72 0.51
C SER B 420 36.77 -32.45 0.01
N PRO B 421 36.61 -31.33 0.74
CA PRO B 421 37.16 -30.03 0.40
C PRO B 421 38.69 -30.04 0.40
N LYS B 422 39.28 -30.72 1.37
CA LYS B 422 40.73 -30.82 1.48
C LYS B 422 41.31 -31.61 0.32
N SER B 423 40.63 -32.69 -0.06
CA SER B 423 41.09 -33.58 -1.12
C SER B 423 41.03 -32.92 -2.50
N ASN B 424 42.17 -32.89 -3.17
CA ASN B 424 42.24 -32.38 -4.53
C ASN B 424 42.85 -33.43 -5.45
N LEU B 425 42.05 -33.92 -6.39
CA LEU B 425 42.52 -34.89 -7.37
C LEU B 425 41.83 -34.65 -8.71
N GLN B 426 42.50 -34.99 -9.80
CA GLN B 426 42.05 -34.61 -11.13
C GLN B 426 41.26 -35.70 -11.85
N TYR B 427 40.12 -35.32 -12.42
CA TYR B 427 39.34 -36.20 -13.28
C TYR B 427 39.40 -35.72 -14.72
N LYS B 428 39.70 -36.63 -15.64
CA LYS B 428 39.68 -36.29 -17.06
C LYS B 428 38.50 -36.97 -17.76
N MET B 429 37.77 -36.18 -18.55
CA MET B 429 36.60 -36.68 -19.26
C MET B 429 36.96 -37.78 -20.24
N TYR B 430 36.20 -38.88 -20.20
CA TYR B 430 36.49 -40.05 -21.02
C TYR B 430 35.77 -40.00 -22.37
N LYS B 431 34.44 -39.94 -22.33
CA LYS B 431 33.65 -39.88 -23.56
C LYS B 431 32.50 -38.89 -23.46
N THR B 432 31.79 -38.70 -24.57
CA THR B 432 30.66 -37.79 -24.65
C THR B 432 29.56 -38.18 -23.65
N PRO B 433 29.09 -37.20 -22.86
CA PRO B 433 28.03 -37.38 -21.86
C PRO B 433 26.80 -38.11 -22.40
N ILE B 434 26.53 -39.29 -21.85
CA ILE B 434 25.40 -40.09 -22.28
C ILE B 434 24.11 -39.65 -21.60
N PHE B 435 23.22 -39.04 -22.37
CA PHE B 435 21.95 -38.56 -21.84
C PHE B 435 21.00 -39.72 -21.56
N LEU B 436 20.19 -39.58 -20.52
CA LEU B 436 19.34 -40.67 -20.05
C LEU B 436 17.97 -40.69 -20.74
N ASN B 437 17.82 -39.91 -21.80
CA ASN B 437 16.59 -39.92 -22.58
C ASN B 437 16.64 -40.95 -23.69
N GLU B 438 17.71 -41.75 -23.70
CA GLU B 438 17.92 -42.76 -24.73
C GLU B 438 18.79 -43.90 -24.24
N VAL B 439 18.42 -44.49 -23.11
CA VAL B 439 19.19 -45.58 -22.52
C VAL B 439 18.29 -46.59 -21.79
N LEU B 440 18.62 -47.87 -21.92
CA LEU B 440 17.92 -48.93 -21.21
C LEU B 440 18.91 -49.73 -20.37
N VAL B 441 18.48 -50.23 -19.23
CA VAL B 441 19.37 -50.97 -18.33
C VAL B 441 18.81 -52.33 -17.92
N LYS B 442 19.59 -53.37 -18.13
CA LYS B 442 19.21 -54.72 -17.73
C LYS B 442 20.34 -55.41 -16.99
N LEU B 443 20.05 -56.57 -16.41
CA LEU B 443 21.04 -57.34 -15.65
C LEU B 443 21.38 -58.65 -16.33
N PRO B 444 22.65 -59.07 -16.25
CA PRO B 444 23.09 -60.33 -16.86
C PRO B 444 22.54 -61.56 -16.15
N PRO B 452 29.35 -58.04 -9.84
CA PRO B 452 28.97 -56.62 -9.83
C PRO B 452 28.90 -56.03 -11.24
N ILE B 453 28.55 -56.86 -12.22
CA ILE B 453 28.49 -56.42 -13.61
C ILE B 453 27.07 -56.08 -14.02
N PHE B 454 26.89 -54.91 -14.61
CA PHE B 454 25.58 -54.49 -15.10
C PHE B 454 25.68 -53.93 -16.52
N HIS B 455 24.59 -54.01 -17.26
CA HIS B 455 24.55 -53.57 -18.66
C HIS B 455 23.66 -52.37 -18.86
N ILE B 456 24.17 -51.36 -19.55
CA ILE B 456 23.33 -50.24 -19.98
C ILE B 456 23.24 -50.25 -21.50
N SER B 457 22.04 -49.99 -22.02
CA SER B 457 21.79 -50.14 -23.45
C SER B 457 21.55 -48.81 -24.16
N HIS B 458 22.59 -48.31 -24.81
CA HIS B 458 22.46 -47.17 -25.69
C HIS B 458 22.05 -47.69 -27.07
N ILE B 459 21.20 -46.94 -27.77
CA ILE B 459 20.67 -47.39 -29.05
C ILE B 459 21.79 -47.63 -30.06
N ASP B 460 22.77 -46.74 -30.08
CA ASP B 460 23.87 -46.83 -31.04
C ASP B 460 24.91 -47.88 -30.63
N ARG B 461 25.40 -47.77 -29.39
CA ARG B 461 26.46 -48.66 -28.92
C ARG B 461 26.09 -49.35 -27.60
N VAL B 462 26.81 -50.43 -27.30
CA VAL B 462 26.57 -51.17 -26.06
C VAL B 462 27.70 -50.97 -25.06
N TYR B 463 27.34 -50.70 -23.81
CA TYR B 463 28.33 -50.51 -22.75
C TYR B 463 28.10 -51.48 -21.59
N THR B 464 29.12 -52.26 -21.26
CA THR B 464 29.04 -53.18 -20.14
C THR B 464 30.03 -52.79 -19.04
N LEU B 465 29.49 -52.37 -17.90
CA LEU B 465 30.32 -51.88 -16.81
C LEU B 465 30.24 -52.78 -15.57
N ARG B 466 31.32 -52.82 -14.81
CA ARG B 466 31.37 -53.59 -13.58
C ARG B 466 31.63 -52.67 -12.39
N ALA B 467 30.71 -52.65 -11.44
CA ALA B 467 30.81 -51.78 -10.27
C ALA B 467 31.78 -52.34 -9.24
N GLU B 468 31.92 -51.62 -8.13
CA GLU B 468 32.81 -52.04 -7.05
C GLU B 468 32.28 -53.28 -6.34
N SER B 469 30.97 -53.30 -6.10
CA SER B 469 30.34 -54.42 -5.41
C SER B 469 28.92 -54.66 -5.92
N ILE B 470 28.23 -55.62 -5.30
CA ILE B 470 26.87 -55.95 -5.68
C ILE B 470 25.90 -54.84 -5.26
N ASN B 471 26.11 -54.30 -4.06
CA ASN B 471 25.26 -53.22 -3.55
C ASN B 471 25.43 -51.94 -4.36
N GLU B 472 26.53 -51.83 -5.10
CA GLU B 472 26.80 -50.66 -5.92
C GLU B 472 26.10 -50.74 -7.27
N ARG B 473 26.17 -51.90 -7.92
CA ARG B 473 25.56 -52.07 -9.22
C ARG B 473 24.04 -51.98 -9.13
N THR B 474 23.49 -52.35 -7.98
CA THR B 474 22.06 -52.24 -7.75
C THR B 474 21.69 -50.77 -7.54
N ALA B 475 22.65 -50.00 -7.02
CA ALA B 475 22.47 -48.57 -6.84
C ALA B 475 22.59 -47.86 -8.18
N TRP B 476 23.40 -48.41 -9.07
CA TRP B 476 23.54 -47.88 -10.41
C TRP B 476 22.29 -48.14 -11.22
N VAL B 477 21.91 -49.41 -11.32
CA VAL B 477 20.75 -49.83 -12.09
C VAL B 477 19.46 -49.12 -11.65
N GLN B 478 19.25 -49.03 -10.34
CA GLN B 478 18.05 -48.40 -9.80
C GLN B 478 17.97 -46.91 -10.12
N LYS B 479 19.05 -46.19 -9.84
CA LYS B 479 19.06 -44.74 -10.02
C LYS B 479 19.07 -44.32 -11.49
N ILE B 480 19.74 -45.10 -12.34
CA ILE B 480 19.78 -44.80 -13.77
C ILE B 480 18.41 -45.00 -14.40
N LYS B 481 17.77 -46.12 -14.08
CA LYS B 481 16.45 -46.44 -14.63
C LYS B 481 15.40 -45.42 -14.20
N ALA B 482 15.41 -45.05 -12.93
CA ALA B 482 14.44 -44.10 -12.39
C ALA B 482 14.58 -42.73 -13.04
N ALA B 483 15.82 -42.29 -13.21
CA ALA B 483 16.09 -40.99 -13.81
C ALA B 483 15.85 -41.01 -15.32
N SER B 484 15.95 -42.20 -15.91
CA SER B 484 15.70 -42.37 -17.34
C SER B 484 14.22 -42.29 -17.65
N GLU B 485 13.41 -43.03 -16.88
CA GLU B 485 11.97 -43.05 -17.07
C GLU B 485 11.35 -41.69 -16.80
N LEU B 486 11.93 -40.95 -15.86
CA LEU B 486 11.44 -39.61 -15.54
C LEU B 486 11.73 -38.65 -16.68
N TYR B 487 12.85 -38.85 -17.37
CA TYR B 487 13.22 -38.00 -18.49
C TYR B 487 12.36 -38.30 -19.71
N ILE B 488 12.18 -39.58 -20.01
CA ILE B 488 11.43 -40.02 -21.18
C ILE B 488 9.98 -39.56 -21.13
N GLU B 489 9.33 -39.81 -20.00
CA GLU B 489 7.91 -39.45 -19.83
C GLU B 489 7.73 -37.93 -19.77
N THR B 490 8.77 -37.22 -19.34
CA THR B 490 8.72 -35.76 -19.33
C THR B 490 8.76 -35.27 -20.78
N GLU B 491 9.48 -36.01 -21.62
CA GLU B 491 9.56 -35.70 -23.04
C GLU B 491 8.25 -36.06 -23.73
N LYS B 492 7.50 -36.98 -23.12
CA LYS B 492 6.22 -37.40 -23.66
C LYS B 492 5.12 -36.38 -23.37
N LYS B 493 5.40 -35.48 -22.43
CA LYS B 493 4.47 -34.42 -22.07
C LYS B 493 4.29 -33.43 -23.21
N LYS B 494 5.37 -33.13 -23.92
CA LYS B 494 5.34 -32.22 -25.04
C LYS B 494 5.90 -32.86 -26.30
N1 FMN C . -36.58 33.05 -0.71
C2 FMN C . -37.47 32.43 -1.58
O2 FMN C . -37.58 32.84 -2.73
N3 FMN C . -38.21 31.35 -1.15
C4 FMN C . -38.09 30.89 0.14
O4 FMN C . -38.76 29.93 0.52
C4A FMN C . -37.20 31.51 1.01
N5 FMN C . -37.06 31.04 2.30
C5A FMN C . -36.18 31.65 3.17
C6 FMN C . -36.04 31.19 4.47
C7 FMN C . -35.15 31.82 5.34
C7M FMN C . -35.01 31.32 6.75
C8 FMN C . -34.39 32.90 4.89
C8M FMN C . -33.43 33.58 5.82
C9 FMN C . -34.53 33.36 3.60
C9A FMN C . -35.42 32.74 2.73
N10 FMN C . -35.55 33.20 1.44
C10 FMN C . -36.44 32.58 0.58
C1' FMN C . -34.73 34.37 0.97
C2' FMN C . -33.47 33.93 0.24
O2' FMN C . -32.72 33.06 1.05
C3' FMN C . -32.61 35.15 -0.08
O3' FMN C . -32.08 35.67 1.12
C4' FMN C . -33.42 36.22 -0.79
O4' FMN C . -33.96 35.69 -1.98
C5' FMN C . -32.56 37.42 -1.13
O5' FMN C . -31.58 37.02 -2.08
P FMN C . -30.36 38.00 -2.45
O1P FMN C . -29.35 37.95 -1.33
O2P FMN C . -30.88 39.41 -2.61
O3P FMN C . -29.72 37.53 -3.74
N1 FMN D . 5.47 17.64 -0.17
C2 FMN D . 6.40 18.15 0.72
O2 FMN D . 6.04 18.47 1.86
N3 FMN D . 7.70 18.31 0.33
C4 FMN D . 8.11 17.95 -0.95
O4 FMN D . 9.28 18.09 -1.28
C4A FMN D . 7.17 17.44 -1.84
N5 FMN D . 7.57 17.08 -3.11
C5A FMN D . 6.64 16.57 -3.99
C6 FMN D . 7.04 16.21 -5.28
C7 FMN D . 6.11 15.70 -6.17
C7M FMN D . 6.53 15.31 -7.55
C8 FMN D . 4.78 15.55 -5.79
C8M FMN D . 3.78 14.99 -6.74
C9 FMN D . 4.39 15.90 -4.50
C9A FMN D . 5.32 16.42 -3.61
N10 FMN D . 4.93 16.77 -2.34
C10 FMN D . 5.85 17.28 -1.44
C1' FMN D . 3.49 16.60 -1.93
C2' FMN D . 3.25 15.30 -1.16
O2' FMN D . 3.75 14.22 -1.90
C3' FMN D . 1.76 15.12 -0.93
O3' FMN D . 1.12 14.95 -2.17
C4' FMN D . 1.16 16.32 -0.21
O4' FMN D . 1.87 16.55 0.98
C5' FMN D . -0.30 16.06 0.12
O5' FMN D . -0.35 15.02 1.07
P FMN D . -1.74 14.31 1.46
O1P FMN D . -2.21 13.50 0.28
O2P FMN D . -2.77 15.36 1.79
O3P FMN D . -1.53 13.41 2.65
#